data_7D9C
#
_entry.id   7D9C
#
_cell.length_a   115.636
_cell.length_b   115.636
_cell.length_c   106.163
_cell.angle_alpha   90.000
_cell.angle_beta   90.000
_cell.angle_gamma   90.000
#
_symmetry.space_group_name_H-M   'P 41 2 2'
#
loop_
_entity.id
_entity.type
_entity.pdbx_description
1 polymer Alpha-glycosidase
2 branched alpha-D-glucopyranose-(1-4)-alpha-D-glucopyranose
3 non-polymer 'CALCIUM ION'
4 non-polymer 'SULFATE ION'
5 non-polymer '2-(N-MORPHOLINO)-ETHANESULFONIC ACID'
6 non-polymer alpha-D-glucopyranose
7 non-polymer beta-D-glucopyranose
8 water water
#
_entity_poly.entity_id   1
_entity_poly.type   'polypeptide(L)'
_entity_poly.pdbx_seq_one_letter_code
;MGNLAGIMHRPDSEMAYVVNEQTVNIRLRTAKDDIVSVELLAGDPYSLRSLPTDEKFYQVPKQMTKIMSDGISDFWQVTV
TEPKRRLAYAFLVTDMLGIQKIYSDKGFFKVADADLMDMNFYFRMPFFQTIDQYNAPEWVTDTVWYQIFPERFANGDVSN
DPVGTKPWDSTDHPGREDFYGGDLQGILDHLDHLQELGISGIYLNPIFQAPSNHKYDTQDYMTVDPHFGDAKLFKQLVQA
AHERGIRVMLDAVFNHIGDKSVQWQDVLKNEQASPYADWFHIHQFPATYTPTDNFEFAADATYDTFDYTPHMPKLNTSNP
EVVDYLLNIATYWVKEFDIDAWRLDVANEIDHHFWRKFHDAMMALKPDFYILGQIWHTSQSWLVGDEFTAVMNYSYTGAI
LQYFLENESADALVQKMSHQLMLYRDATNRMMFNTVDSHDTPRLMTLAHEDKQLAKSILTFTFMQPGVPSIYYGTEYGMT
GENDPDDRKPMVWQPELQDHDLYDFMQKLVQVRRQVIAKLSDDKIIFDVIGERQIRLTREDNQTRIVGVFNNGTTDLTVA
QPTSILLKTNQSETQLAPNDFMIWTEPVR
;
_entity_poly.pdbx_strand_id   A
#
loop_
_chem_comp.id
_chem_comp.type
_chem_comp.name
_chem_comp.formula
BGC D-saccharide, beta linking beta-D-glucopyranose 'C6 H12 O6'
CA non-polymer 'CALCIUM ION' 'Ca 2'
GLC D-saccharide, alpha linking alpha-D-glucopyranose 'C6 H12 O6'
MES non-polymer '2-(N-MORPHOLINO)-ETHANESULFONIC ACID' 'C6 H13 N O4 S'
SO4 non-polymer 'SULFATE ION' 'O4 S -2'
#
# COMPACT_ATOMS: atom_id res chain seq x y z
N GLY A 2 -31.15 16.93 3.69
CA GLY A 2 -31.84 15.66 3.72
C GLY A 2 -31.59 14.98 2.41
N ASN A 3 -30.31 14.88 2.07
CA ASN A 3 -29.90 14.25 0.81
C ASN A 3 -29.79 12.76 1.07
N LEU A 4 -30.95 12.08 1.08
CA LEU A 4 -30.99 10.67 1.38
C LEU A 4 -30.25 9.87 0.33
N ALA A 5 -30.19 10.35 -0.93
CA ALA A 5 -29.44 9.64 -1.96
C ALA A 5 -27.95 9.59 -1.67
N GLY A 6 -27.45 10.53 -0.85
CA GLY A 6 -26.05 10.53 -0.48
C GLY A 6 -25.69 9.70 0.74
N ILE A 7 -26.67 9.02 1.35
CA ILE A 7 -26.44 8.22 2.56
C ILE A 7 -26.32 6.75 2.16
N MET A 8 -25.28 6.08 2.64
CA MET A 8 -25.17 4.67 2.30
C MET A 8 -24.43 3.92 3.38
N HIS A 9 -24.92 2.73 3.70
CA HIS A 9 -24.18 1.77 4.49
C HIS A 9 -24.23 0.45 3.76
N ARG A 10 -23.07 -0.12 3.50
CA ARG A 10 -22.96 -1.48 2.93
C ARG A 10 -22.58 -2.44 4.03
N PRO A 11 -23.45 -3.38 4.40
CA PRO A 11 -23.08 -4.30 5.48
C PRO A 11 -21.97 -5.23 4.99
N ASP A 12 -21.30 -5.86 5.96
CA ASP A 12 -20.27 -6.85 5.67
C ASP A 12 -19.26 -6.34 4.64
N SER A 13 -18.57 -5.28 4.99
CA SER A 13 -17.68 -4.59 4.05
C SER A 13 -16.67 -3.78 4.88
N GLU A 14 -15.95 -2.85 4.23
CA GLU A 14 -15.14 -1.92 5.02
C GLU A 14 -15.98 -1.02 5.92
N MET A 15 -17.29 -0.98 5.70
CA MET A 15 -18.19 -0.20 6.56
C MET A 15 -18.73 -1.01 7.74
N ALA A 16 -18.40 -2.28 7.84
CA ALA A 16 -18.95 -3.11 8.95
C ALA A 16 -18.06 -4.34 9.05
N TYR A 17 -17.11 -4.33 10.01
CA TYR A 17 -16.14 -5.41 10.00
C TYR A 17 -15.66 -5.70 11.42
N VAL A 18 -15.18 -6.91 11.62
CA VAL A 18 -14.72 -7.42 12.92
C VAL A 18 -13.30 -6.95 13.18
N VAL A 19 -13.06 -6.40 14.36
CA VAL A 19 -11.72 -6.03 14.83
C VAL A 19 -11.16 -7.09 15.77
N ASN A 20 -12.00 -7.66 16.63
CA ASN A 20 -11.60 -8.75 17.51
C ASN A 20 -12.84 -9.54 17.89
N GLU A 21 -12.68 -10.54 18.78
CA GLU A 21 -13.78 -11.47 19.01
C GLU A 21 -15.08 -10.77 19.40
N GLN A 22 -15.03 -9.64 20.14
CA GLN A 22 -16.28 -9.03 20.61
C GLN A 22 -16.47 -7.63 20.09
N THR A 23 -15.69 -7.17 19.11
CA THR A 23 -15.66 -5.75 18.74
C THR A 23 -15.74 -5.59 17.23
N VAL A 24 -16.60 -4.67 16.76
CA VAL A 24 -16.73 -4.35 15.34
C VAL A 24 -16.56 -2.85 15.14
N ASN A 25 -16.15 -2.46 13.92
N ASN A 25 -16.29 -2.48 13.90
CA ASN A 25 -16.16 -1.07 13.49
CA ASN A 25 -16.18 -1.10 13.50
C ASN A 25 -17.23 -0.87 12.42
C ASN A 25 -17.20 -0.86 12.41
N ILE A 26 -17.99 0.21 12.56
CA ILE A 26 -19.11 0.49 11.66
C ILE A 26 -18.94 1.90 11.12
N ARG A 27 -19.18 2.04 9.81
CA ARG A 27 -19.10 3.34 9.14
C ARG A 27 -20.39 3.64 8.41
N LEU A 28 -20.63 4.97 8.23
CA LEU A 28 -21.75 5.43 7.40
C LEU A 28 -21.23 6.54 6.51
N ARG A 29 -21.66 6.54 5.25
N ARG A 29 -21.68 6.55 5.26
CA ARG A 29 -21.39 7.63 4.30
CA ARG A 29 -21.42 7.64 4.31
C ARG A 29 -22.64 8.53 4.26
C ARG A 29 -22.64 8.54 4.26
N THR A 30 -22.43 9.86 4.26
CA THR A 30 -23.51 10.84 4.06
C THR A 30 -23.01 11.88 3.08
N ALA A 31 -23.90 12.72 2.58
CA ALA A 31 -23.44 13.81 1.71
C ALA A 31 -22.72 14.86 2.54
N LYS A 32 -21.68 15.48 1.97
CA LYS A 32 -20.85 16.41 2.74
C LYS A 32 -21.69 17.54 3.35
N ASP A 33 -21.56 17.71 4.67
CA ASP A 33 -22.19 18.77 5.45
C ASP A 33 -23.72 18.75 5.42
N ASP A 34 -24.32 17.69 4.94
CA ASP A 34 -25.78 17.59 4.90
C ASP A 34 -26.33 17.02 6.19
N ILE A 35 -25.61 16.16 6.88
CA ILE A 35 -26.09 15.49 8.08
C ILE A 35 -25.29 16.06 9.25
N VAL A 36 -26.02 16.53 10.27
N VAL A 36 -26.00 16.53 10.28
CA VAL A 36 -25.42 17.18 11.45
CA VAL A 36 -25.34 17.17 11.42
C VAL A 36 -25.01 16.16 12.50
C VAL A 36 -24.99 16.15 12.51
N SER A 37 -25.71 15.03 12.62
CA SER A 37 -25.37 14.05 13.65
C SER A 37 -25.86 12.69 13.20
N VAL A 38 -25.16 11.66 13.68
CA VAL A 38 -25.54 10.28 13.43
C VAL A 38 -25.39 9.52 14.73
N GLU A 39 -26.41 8.77 15.11
CA GLU A 39 -26.33 7.84 16.25
C GLU A 39 -26.53 6.43 15.72
N LEU A 40 -25.91 5.47 16.35
CA LEU A 40 -26.10 4.07 16.01
C LEU A 40 -27.03 3.44 17.06
N LEU A 41 -28.05 2.72 16.60
CA LEU A 41 -28.88 1.87 17.46
C LEU A 41 -28.38 0.44 17.20
N ALA A 42 -27.91 -0.24 18.23
CA ALA A 42 -27.25 -1.53 17.99
C ALA A 42 -27.32 -2.43 19.22
N GLY A 43 -27.44 -3.72 18.94
CA GLY A 43 -27.34 -4.71 20.00
C GLY A 43 -27.61 -6.09 19.46
N ASP A 44 -27.74 -7.07 20.37
CA ASP A 44 -27.97 -8.45 19.93
C ASP A 44 -29.36 -8.57 19.27
N PRO A 45 -29.47 -9.02 18.02
CA PRO A 45 -30.81 -9.12 17.38
C PRO A 45 -31.84 -9.90 18.19
N TYR A 46 -31.42 -10.99 18.83
CA TYR A 46 -32.35 -11.87 19.52
C TYR A 46 -32.78 -11.24 20.84
N SER A 47 -32.06 -10.25 21.36
CA SER A 47 -32.41 -9.70 22.66
C SER A 47 -33.76 -9.02 22.64
N LEU A 48 -34.19 -8.42 21.51
CA LEU A 48 -35.39 -7.60 21.49
C LEU A 48 -36.58 -8.40 21.98
N ARG A 49 -36.80 -9.58 21.42
N ARG A 49 -36.80 -9.58 21.42
CA ARG A 49 -37.99 -10.37 21.79
CA ARG A 49 -37.99 -10.37 21.78
C ARG A 49 -37.68 -11.51 22.74
C ARG A 49 -37.68 -11.51 22.75
N SER A 50 -36.42 -11.93 22.88
CA SER A 50 -36.15 -13.11 23.72
C SER A 50 -35.93 -12.74 25.18
N LEU A 51 -35.37 -11.58 25.48
CA LEU A 51 -35.05 -11.34 26.90
C LEU A 51 -36.26 -10.77 27.63
N PRO A 52 -36.47 -11.23 28.88
CA PRO A 52 -37.61 -10.72 29.67
C PRO A 52 -37.49 -9.26 30.08
N THR A 53 -36.33 -8.64 30.01
CA THR A 53 -36.22 -7.26 30.48
C THR A 53 -37.05 -6.28 29.63
N ASP A 54 -37.44 -5.16 30.28
CA ASP A 54 -38.12 -4.10 29.56
C ASP A 54 -37.15 -3.27 28.71
N GLU A 55 -35.86 -3.28 29.07
CA GLU A 55 -34.84 -2.56 28.31
C GLU A 55 -34.76 -3.13 26.90
N LYS A 56 -34.51 -2.25 25.92
CA LYS A 56 -34.27 -2.68 24.54
C LYS A 56 -33.04 -1.95 24.03
N PHE A 57 -32.29 -2.61 23.13
CA PHE A 57 -31.01 -2.00 22.75
C PHE A 57 -31.18 -0.66 22.08
N TYR A 58 -32.29 -0.44 21.38
CA TYR A 58 -32.49 0.79 20.64
C TYR A 58 -32.76 1.97 21.55
N GLN A 59 -32.98 1.77 22.85
CA GLN A 59 -33.16 2.91 23.77
C GLN A 59 -31.86 3.54 24.23
N VAL A 60 -30.70 2.99 23.88
CA VAL A 60 -29.44 3.59 24.30
C VAL A 60 -28.59 3.75 23.04
N PRO A 61 -28.77 4.81 22.28
CA PRO A 61 -27.96 5.01 21.07
C PRO A 61 -26.50 5.26 21.42
N LYS A 62 -25.66 5.05 20.42
CA LYS A 62 -24.20 5.27 20.51
C LYS A 62 -23.88 6.40 19.52
N GLN A 63 -23.18 7.43 19.95
CA GLN A 63 -22.86 8.51 19.01
C GLN A 63 -21.79 8.09 18.01
N MET A 64 -22.00 8.38 16.73
CA MET A 64 -20.92 8.24 15.77
C MET A 64 -20.18 9.57 15.61
N THR A 65 -18.94 9.47 15.16
CA THR A 65 -18.09 10.64 14.95
C THR A 65 -17.80 10.79 13.47
N LYS A 66 -17.88 12.04 12.97
CA LYS A 66 -17.50 12.33 11.59
C LYS A 66 -15.97 12.33 11.54
N ILE A 67 -15.39 11.35 10.85
CA ILE A 67 -13.94 11.18 10.90
C ILE A 67 -13.25 11.79 9.69
N MET A 68 -13.92 11.78 8.52
CA MET A 68 -13.24 12.27 7.32
C MET A 68 -14.28 12.85 6.37
N SER A 69 -13.83 13.67 5.41
CA SER A 69 -14.65 14.10 4.30
C SER A 69 -13.84 14.11 3.03
N ASP A 70 -14.44 13.65 1.91
CA ASP A 70 -13.72 13.67 0.63
C ASP A 70 -14.22 14.77 -0.30
N GLY A 71 -14.93 15.77 0.24
CA GLY A 71 -15.44 16.86 -0.58
C GLY A 71 -16.78 16.56 -1.21
N ILE A 72 -17.15 15.31 -1.32
CA ILE A 72 -18.43 14.89 -1.82
C ILE A 72 -19.26 14.28 -0.71
N SER A 73 -18.64 13.42 0.06
CA SER A 73 -19.27 12.70 1.16
C SER A 73 -18.54 12.98 2.46
N ASP A 74 -19.26 12.80 3.56
CA ASP A 74 -18.71 12.70 4.90
C ASP A 74 -18.77 11.25 5.35
N PHE A 75 -17.83 10.85 6.20
CA PHE A 75 -17.75 9.48 6.70
C PHE A 75 -17.76 9.53 8.21
N TRP A 76 -18.61 8.68 8.77
CA TRP A 76 -18.84 8.59 10.20
C TRP A 76 -18.43 7.20 10.67
N GLN A 77 -17.93 7.10 11.91
CA GLN A 77 -17.46 5.81 12.41
C GLN A 77 -17.78 5.64 13.89
N VAL A 78 -17.97 4.39 14.30
CA VAL A 78 -18.09 4.03 15.71
C VAL A 78 -17.59 2.59 15.89
N THR A 79 -17.09 2.30 17.07
CA THR A 79 -16.72 0.95 17.50
C THR A 79 -17.80 0.45 18.44
N VAL A 80 -18.20 -0.81 18.27
CA VAL A 80 -19.23 -1.42 19.11
C VAL A 80 -18.69 -2.72 19.70
N THR A 81 -18.94 -2.94 20.99
N THR A 81 -18.92 -2.94 20.99
CA THR A 81 -18.60 -4.21 21.61
CA THR A 81 -18.62 -4.25 21.55
C THR A 81 -19.91 -4.91 21.97
C THR A 81 -19.92 -4.94 21.93
N GLU A 82 -19.95 -6.24 21.76
CA GLU A 82 -21.14 -7.00 22.06
C GLU A 82 -20.74 -8.37 22.53
N PRO A 83 -20.96 -8.71 23.82
CA PRO A 83 -20.55 -10.02 24.32
C PRO A 83 -21.22 -11.20 23.65
N LYS A 84 -22.48 -11.04 23.16
CA LYS A 84 -23.15 -12.13 22.49
C LYS A 84 -22.60 -12.35 21.09
N ARG A 85 -21.76 -11.42 20.57
CA ARG A 85 -21.09 -11.59 19.28
CA ARG A 85 -21.10 -11.60 19.28
C ARG A 85 -22.09 -11.67 18.10
N ARG A 86 -23.26 -11.05 18.26
CA ARG A 86 -24.24 -10.95 17.19
C ARG A 86 -24.70 -9.50 17.24
N LEU A 87 -24.84 -8.86 16.07
CA LEU A 87 -25.22 -7.42 16.09
C LEU A 87 -26.26 -7.09 15.04
N ALA A 88 -27.32 -6.43 15.48
CA ALA A 88 -28.27 -5.75 14.59
C ALA A 88 -28.11 -4.26 14.82
N TYR A 89 -28.17 -3.46 13.73
CA TYR A 89 -27.94 -2.04 13.93
C TYR A 89 -28.68 -1.22 12.86
N ALA A 90 -28.94 0.02 13.23
CA ALA A 90 -29.52 1.00 12.32
C ALA A 90 -28.99 2.39 12.69
N PHE A 91 -29.21 3.38 11.83
CA PHE A 91 -28.61 4.69 12.00
C PHE A 91 -29.70 5.73 12.20
N LEU A 92 -29.55 6.60 13.17
CA LEU A 92 -30.43 7.76 13.29
CA LEU A 92 -30.44 7.75 13.32
C LEU A 92 -29.69 8.94 12.73
N VAL A 93 -30.19 9.51 11.64
CA VAL A 93 -29.48 10.57 10.91
C VAL A 93 -30.32 11.83 10.98
N THR A 94 -29.69 12.97 11.30
CA THR A 94 -30.43 14.23 11.38
C THR A 94 -29.76 15.24 10.45
N ASP A 95 -30.57 15.87 9.59
CA ASP A 95 -30.04 16.78 8.59
C ASP A 95 -29.97 18.22 9.12
N MET A 96 -29.50 19.14 8.29
CA MET A 96 -29.27 20.51 8.75
C MET A 96 -30.55 21.24 9.15
N LEU A 97 -31.69 20.86 8.59
CA LEU A 97 -32.95 21.45 9.00
C LEU A 97 -33.55 20.75 10.20
N GLY A 98 -32.85 19.77 10.75
CA GLY A 98 -33.35 19.07 11.89
C GLY A 98 -34.27 17.91 11.57
N ILE A 99 -34.34 17.45 10.34
CA ILE A 99 -35.19 16.31 10.02
C ILE A 99 -34.41 15.04 10.34
N GLN A 100 -34.99 14.21 11.20
N GLN A 100 -34.96 14.23 11.24
CA GLN A 100 -34.36 12.97 11.64
CA GLN A 100 -34.37 12.96 11.66
C GLN A 100 -35.07 11.77 11.04
C GLN A 100 -35.08 11.81 10.96
N LYS A 101 -34.30 10.84 10.49
CA LYS A 101 -34.84 9.57 10.01
C LYS A 101 -34.01 8.44 10.57
N ILE A 102 -34.61 7.26 10.61
N ILE A 102 -34.60 7.25 10.65
CA ILE A 102 -33.85 6.05 10.87
CA ILE A 102 -33.85 6.02 10.89
C ILE A 102 -33.56 5.39 9.53
C ILE A 102 -33.55 5.40 9.54
N TYR A 103 -32.31 4.94 9.36
CA TYR A 103 -31.86 4.30 8.13
C TYR A 103 -31.42 2.89 8.49
N SER A 104 -32.01 1.91 7.83
CA SER A 104 -31.72 0.51 8.15
CA SER A 104 -31.72 0.52 8.15
C SER A 104 -31.67 -0.29 6.86
N ASP A 105 -31.55 -1.61 7.01
CA ASP A 105 -31.54 -2.54 5.87
C ASP A 105 -32.84 -2.44 5.08
N LYS A 106 -33.90 -1.91 5.71
CA LYS A 106 -35.20 -1.77 5.05
C LYS A 106 -35.42 -0.39 4.46
N GLY A 107 -34.47 0.53 4.61
CA GLY A 107 -34.57 1.87 4.03
C GLY A 107 -34.69 2.97 5.06
N PHE A 108 -35.36 4.07 4.70
CA PHE A 108 -35.47 5.26 5.53
C PHE A 108 -36.88 5.37 6.10
N PHE A 109 -36.96 5.70 7.40
CA PHE A 109 -38.27 5.80 8.07
C PHE A 109 -38.27 6.95 9.06
N LYS A 110 -39.45 7.51 9.38
CA LYS A 110 -39.59 8.24 10.65
C LYS A 110 -39.48 7.24 11.79
N VAL A 111 -38.87 7.67 12.92
CA VAL A 111 -38.64 6.77 14.07
C VAL A 111 -39.95 6.18 14.53
N ALA A 112 -41.00 6.99 14.58
CA ALA A 112 -42.33 6.52 14.97
C ALA A 112 -42.86 5.41 14.07
N ASP A 113 -42.38 5.30 12.83
CA ASP A 113 -42.89 4.30 11.89
C ASP A 113 -41.96 3.10 11.74
N ALA A 114 -40.85 3.08 12.45
CA ALA A 114 -39.85 2.03 12.29
C ALA A 114 -40.21 0.83 13.16
N ASP A 115 -40.02 -0.37 12.61
CA ASP A 115 -40.34 -1.63 13.29
C ASP A 115 -39.15 -2.05 14.17
N LEU A 116 -38.93 -1.27 15.23
CA LEU A 116 -37.71 -1.46 16.05
C LEU A 116 -37.70 -2.75 16.86
N MET A 117 -38.84 -3.39 17.09
CA MET A 117 -38.85 -4.67 17.79
C MET A 117 -38.56 -5.86 16.89
N ASP A 118 -38.46 -5.66 15.58
CA ASP A 118 -38.27 -6.76 14.63
C ASP A 118 -36.79 -6.82 14.28
N MET A 119 -36.11 -7.89 14.70
CA MET A 119 -34.67 -8.00 14.41
C MET A 119 -34.40 -7.85 12.93
N ASN A 120 -35.33 -8.25 12.04
CA ASN A 120 -35.08 -8.20 10.61
C ASN A 120 -35.20 -6.81 10.01
N PHE A 121 -35.61 -5.82 10.80
CA PHE A 121 -35.61 -4.44 10.34
C PHE A 121 -34.18 -3.95 10.13
N TYR A 122 -33.24 -4.43 10.92
CA TYR A 122 -31.92 -3.87 11.05
C TYR A 122 -30.94 -4.41 10.04
N PHE A 123 -29.88 -3.62 9.79
CA PHE A 123 -28.68 -4.24 9.21
C PHE A 123 -28.13 -5.28 10.21
N ARG A 124 -27.37 -6.25 9.70
CA ARG A 124 -26.83 -7.33 10.53
C ARG A 124 -25.33 -7.54 10.34
N MET A 125 -24.60 -7.70 11.48
N MET A 125 -24.60 -7.70 11.46
CA MET A 125 -23.35 -8.50 11.61
CA MET A 125 -23.36 -8.49 11.51
C MET A 125 -23.61 -9.83 12.33
C MET A 125 -23.65 -9.79 12.29
N PRO A 126 -23.87 -10.91 11.61
CA PRO A 126 -24.70 -11.95 12.21
C PRO A 126 -24.03 -12.70 13.32
N PHE A 127 -22.76 -13.02 13.15
CA PHE A 127 -21.94 -13.49 14.26
C PHE A 127 -20.54 -12.96 13.97
N PHE A 128 -19.80 -12.60 15.01
CA PHE A 128 -18.48 -11.99 14.78
C PHE A 128 -17.46 -13.10 14.50
N GLN A 129 -17.03 -13.22 13.26
CA GLN A 129 -16.17 -14.35 12.82
C GLN A 129 -14.72 -13.87 12.71
N THR A 130 -13.89 -14.22 13.69
CA THR A 130 -12.48 -13.85 13.55
C THR A 130 -11.82 -14.59 12.36
N ILE A 131 -12.29 -15.78 11.98
CA ILE A 131 -11.65 -16.46 10.86
C ILE A 131 -11.79 -15.66 9.57
N ASP A 132 -12.82 -14.83 9.45
CA ASP A 132 -13.08 -14.04 8.23
C ASP A 132 -12.47 -12.64 8.34
N GLN A 133 -11.86 -12.26 9.49
CA GLN A 133 -11.50 -10.85 9.62
C GLN A 133 -10.16 -10.56 8.94
N TYR A 134 -9.93 -9.28 8.72
CA TYR A 134 -8.65 -8.80 8.24
C TYR A 134 -7.67 -8.74 9.41
N ASN A 135 -6.46 -9.23 9.19
CA ASN A 135 -5.37 -9.15 10.17
C ASN A 135 -4.15 -8.45 9.56
N ALA A 136 -3.57 -7.50 10.29
CA ALA A 136 -2.34 -6.81 9.88
C ALA A 136 -1.16 -7.38 10.68
N PRO A 137 -0.06 -7.80 10.03
CA PRO A 137 1.15 -8.23 10.78
C PRO A 137 1.82 -7.01 11.42
N GLU A 138 2.07 -7.14 12.72
CA GLU A 138 2.55 -5.98 13.47
C GLU A 138 3.94 -5.51 13.05
N TRP A 139 4.81 -6.42 12.58
CA TRP A 139 6.18 -6.01 12.23
C TRP A 139 6.21 -5.00 11.10
N VAL A 140 5.22 -5.03 10.22
CA VAL A 140 5.21 -4.09 9.11
C VAL A 140 5.09 -2.66 9.61
N THR A 141 4.40 -2.45 10.74
CA THR A 141 4.20 -1.07 11.22
C THR A 141 5.54 -0.43 11.57
N ASP A 142 6.54 -1.21 11.92
CA ASP A 142 7.83 -0.64 12.29
C ASP A 142 8.83 -0.60 11.15
N THR A 143 8.39 -0.81 9.91
CA THR A 143 9.31 -0.99 8.81
CA THR A 143 9.31 -0.99 8.80
C THR A 143 9.44 0.28 7.98
N VAL A 144 10.66 0.52 7.47
CA VAL A 144 10.90 1.46 6.36
C VAL A 144 11.60 0.63 5.31
N TRP A 145 11.02 0.59 4.10
CA TRP A 145 11.55 -0.28 3.06
C TRP A 145 12.53 0.46 2.15
N TYR A 146 13.35 -0.34 1.46
CA TYR A 146 14.29 0.15 0.46
C TYR A 146 14.17 -0.76 -0.75
N GLN A 147 13.80 -0.19 -1.90
CA GLN A 147 13.56 -0.99 -3.12
C GLN A 147 14.83 -1.03 -3.97
N ILE A 148 15.30 -2.23 -4.25
CA ILE A 148 16.47 -2.44 -5.09
C ILE A 148 16.04 -3.09 -6.40
N PHE A 149 16.44 -2.45 -7.53
CA PHE A 149 16.39 -3.04 -8.88
C PHE A 149 17.76 -3.69 -9.10
N PRO A 150 17.88 -5.04 -8.93
CA PRO A 150 19.22 -5.64 -8.66
C PRO A 150 20.25 -5.43 -9.77
N GLU A 151 19.84 -5.31 -11.02
CA GLU A 151 20.83 -5.11 -12.09
C GLU A 151 21.59 -3.80 -11.92
N ARG A 152 21.05 -2.85 -11.11
CA ARG A 152 21.59 -1.49 -11.08
C ARG A 152 22.01 -1.04 -9.68
N PHE A 153 22.03 -1.92 -8.67
CA PHE A 153 22.38 -1.45 -7.32
C PHE A 153 23.89 -1.54 -7.06
N ALA A 154 24.48 -2.73 -7.18
CA ALA A 154 25.93 -2.81 -7.01
C ALA A 154 26.45 -4.06 -7.70
N ASN A 155 27.56 -3.93 -8.43
CA ASN A 155 28.24 -5.08 -9.01
C ASN A 155 29.25 -5.59 -8.01
N GLY A 156 28.95 -6.69 -7.34
CA GLY A 156 29.88 -7.35 -6.46
C GLY A 156 30.68 -8.45 -7.08
N ASP A 157 30.47 -8.74 -8.38
CA ASP A 157 31.17 -9.86 -8.99
C ASP A 157 31.17 -9.61 -10.51
N VAL A 158 32.31 -9.16 -11.04
CA VAL A 158 32.39 -8.96 -12.50
C VAL A 158 32.31 -10.29 -13.24
N SER A 159 32.64 -11.39 -12.59
CA SER A 159 32.73 -12.67 -13.30
C SER A 159 31.37 -13.23 -13.72
N ASN A 160 30.27 -12.74 -13.16
CA ASN A 160 28.94 -13.18 -13.58
C ASN A 160 28.26 -12.18 -14.49
N ASP A 161 28.99 -11.17 -14.96
CA ASP A 161 28.35 -10.10 -15.71
C ASP A 161 27.86 -10.63 -17.06
N PRO A 162 26.70 -10.15 -17.53
CA PRO A 162 26.26 -10.45 -18.89
C PRO A 162 27.29 -10.03 -19.94
N VAL A 163 27.23 -10.70 -21.11
CA VAL A 163 28.03 -10.21 -22.23
C VAL A 163 27.65 -8.77 -22.55
N GLY A 164 28.64 -7.93 -22.81
CA GLY A 164 28.35 -6.55 -23.19
C GLY A 164 28.06 -5.62 -22.03
N THR A 165 28.38 -5.99 -20.78
CA THR A 165 28.13 -5.14 -19.63
C THR A 165 28.94 -3.86 -19.76
N LYS A 166 28.28 -2.75 -19.52
CA LYS A 166 28.86 -1.43 -19.63
C LYS A 166 29.56 -1.03 -18.33
N PRO A 167 30.59 -0.16 -18.39
CA PRO A 167 31.22 0.37 -17.16
C PRO A 167 30.18 1.04 -16.26
N TRP A 168 30.35 0.87 -14.95
CA TRP A 168 29.38 1.38 -13.98
C TRP A 168 29.42 2.90 -13.99
N ASP A 169 28.30 3.54 -14.31
CA ASP A 169 28.33 5.00 -14.44
C ASP A 169 26.93 5.53 -14.16
N SER A 170 26.77 6.11 -12.96
CA SER A 170 25.49 6.68 -12.54
C SER A 170 25.08 7.90 -13.34
N THR A 171 25.97 8.45 -14.18
CA THR A 171 25.61 9.58 -15.05
C THR A 171 25.12 9.13 -16.42
N ASP A 172 25.16 7.83 -16.72
CA ASP A 172 24.62 7.36 -17.99
C ASP A 172 23.10 7.55 -18.07
N HIS A 173 22.60 7.53 -19.32
CA HIS A 173 21.16 7.40 -19.58
C HIS A 173 20.98 6.01 -20.15
N PRO A 174 20.60 5.01 -19.36
CA PRO A 174 20.59 3.64 -19.86
C PRO A 174 19.59 3.44 -20.98
N GLY A 175 19.95 2.55 -21.88
CA GLY A 175 19.04 2.03 -22.87
C GLY A 175 18.22 0.90 -22.28
N ARG A 176 17.15 0.57 -22.99
CA ARG A 176 16.25 -0.49 -22.53
C ARG A 176 16.94 -1.83 -22.36
N GLU A 177 17.96 -2.14 -23.17
CA GLU A 177 18.57 -3.47 -23.15
C GLU A 177 19.97 -3.49 -22.53
N ASP A 178 20.36 -2.44 -21.85
CA ASP A 178 21.71 -2.39 -21.29
C ASP A 178 21.88 -3.32 -20.09
N PHE A 179 23.13 -3.71 -19.83
CA PHE A 179 23.48 -4.38 -18.56
C PHE A 179 24.66 -3.66 -17.95
N TYR A 180 24.60 -3.51 -16.63
CA TYR A 180 25.68 -2.94 -15.83
C TYR A 180 26.28 -3.93 -14.83
N GLY A 181 25.68 -5.11 -14.67
CA GLY A 181 26.34 -6.15 -13.88
C GLY A 181 25.97 -6.18 -12.43
N GLY A 182 24.95 -5.44 -12.01
CA GLY A 182 24.51 -5.51 -10.60
C GLY A 182 24.08 -6.92 -10.23
N ASP A 183 24.29 -7.30 -8.96
CA ASP A 183 24.01 -8.68 -8.59
C ASP A 183 23.83 -8.80 -7.08
N LEU A 184 23.61 -10.02 -6.59
CA LEU A 184 23.33 -10.20 -5.17
C LEU A 184 24.54 -9.96 -4.31
N GLN A 185 25.75 -10.30 -4.80
CA GLN A 185 26.93 -10.00 -4.00
C GLN A 185 27.04 -8.50 -3.75
N GLY A 186 26.64 -7.69 -4.74
CA GLY A 186 26.67 -6.24 -4.54
C GLY A 186 25.73 -5.78 -3.45
N ILE A 187 24.54 -6.42 -3.36
CA ILE A 187 23.64 -6.07 -2.26
C ILE A 187 24.28 -6.42 -0.92
N LEU A 188 24.79 -7.65 -0.83
CA LEU A 188 25.45 -8.10 0.40
C LEU A 188 26.57 -7.13 0.81
N ASP A 189 27.32 -6.64 -0.19
CA ASP A 189 28.46 -5.74 0.06
C ASP A 189 28.01 -4.41 0.65
N HIS A 190 26.78 -3.99 0.43
CA HIS A 190 26.32 -2.67 0.85
C HIS A 190 25.24 -2.71 1.93
N LEU A 191 25.12 -3.84 2.62
CA LEU A 191 24.16 -3.86 3.73
C LEU A 191 24.47 -2.83 4.80
N ASP A 192 25.75 -2.51 5.02
CA ASP A 192 26.09 -1.45 5.98
C ASP A 192 25.45 -0.12 5.60
N HIS A 193 25.48 0.24 4.32
CA HIS A 193 24.83 1.47 3.90
C HIS A 193 23.35 1.47 4.26
N LEU A 194 22.69 0.34 4.00
CA LEU A 194 21.24 0.30 4.28
C LEU A 194 20.98 0.38 5.79
N GLN A 195 21.77 -0.33 6.59
CA GLN A 195 21.60 -0.25 8.05
C GLN A 195 21.85 1.18 8.55
N GLU A 196 22.89 1.85 8.02
CA GLU A 196 23.20 3.21 8.44
C GLU A 196 22.11 4.19 8.05
N LEU A 197 21.44 3.97 6.91
CA LEU A 197 20.31 4.78 6.50
C LEU A 197 19.14 4.58 7.46
N GLY A 198 19.01 3.38 8.03
CA GLY A 198 17.96 3.07 8.97
C GLY A 198 16.86 2.22 8.39
N ILE A 199 17.04 1.69 7.20
CA ILE A 199 15.94 0.90 6.64
C ILE A 199 15.85 -0.47 7.32
N SER A 200 14.65 -1.02 7.32
CA SER A 200 14.40 -2.29 8.01
C SER A 200 13.67 -3.28 7.13
N GLY A 201 13.60 -3.02 5.85
CA GLY A 201 13.11 -4.01 4.91
C GLY A 201 13.71 -3.74 3.54
N ILE A 202 14.05 -4.82 2.82
CA ILE A 202 14.51 -4.70 1.42
C ILE A 202 13.49 -5.34 0.51
N TYR A 203 13.12 -4.61 -0.52
CA TYR A 203 12.18 -5.08 -1.53
C TYR A 203 12.99 -5.25 -2.81
N LEU A 204 13.12 -6.49 -3.28
CA LEU A 204 13.86 -6.70 -4.53
C LEU A 204 12.90 -6.87 -5.68
N ASN A 205 13.21 -6.26 -6.84
CA ASN A 205 12.60 -6.62 -8.08
C ASN A 205 13.07 -8.03 -8.48
N PRO A 206 12.49 -8.63 -9.53
CA PRO A 206 12.69 -10.07 -9.75
C PRO A 206 14.15 -10.50 -9.82
N ILE A 207 14.45 -11.65 -9.21
CA ILE A 207 15.82 -12.17 -9.20
C ILE A 207 15.93 -13.56 -9.82
N PHE A 208 14.81 -14.12 -10.35
CA PHE A 208 14.86 -15.46 -10.89
C PHE A 208 15.34 -15.45 -12.35
N GLN A 209 15.83 -16.59 -12.81
CA GLN A 209 16.46 -16.66 -14.12
C GLN A 209 15.50 -16.13 -15.19
N ALA A 210 16.00 -15.21 -16.02
CA ALA A 210 15.24 -14.53 -17.06
C ALA A 210 16.24 -13.79 -17.96
N PRO A 211 15.93 -13.63 -19.25
CA PRO A 211 16.96 -13.07 -20.16
C PRO A 211 17.18 -11.58 -20.05
N SER A 212 16.27 -10.83 -19.53
CA SER A 212 16.32 -9.39 -19.60
C SER A 212 17.08 -8.77 -18.41
N ASN A 213 17.23 -7.42 -18.42
CA ASN A 213 17.81 -6.73 -17.29
C ASN A 213 16.83 -6.51 -16.14
N HIS A 214 15.53 -6.62 -16.40
CA HIS A 214 14.50 -6.40 -15.39
C HIS A 214 13.93 -7.72 -14.87
N LYS A 215 14.02 -8.80 -15.68
CA LYS A 215 13.68 -10.15 -15.22
C LYS A 215 12.20 -10.33 -14.92
N TYR A 216 11.34 -9.55 -15.57
CA TYR A 216 9.90 -9.86 -15.51
C TYR A 216 9.45 -10.88 -16.56
N ASP A 217 10.35 -11.28 -17.44
CA ASP A 217 10.04 -12.32 -18.46
C ASP A 217 10.67 -13.66 -18.05
N THR A 218 10.08 -14.25 -17.01
CA THR A 218 10.76 -15.33 -16.28
C THR A 218 11.04 -16.53 -17.16
N GLN A 219 12.24 -17.05 -17.05
CA GLN A 219 12.60 -18.32 -17.65
C GLN A 219 12.46 -19.47 -16.66
N ASP A 220 12.93 -19.33 -15.40
CA ASP A 220 12.81 -20.40 -14.40
C ASP A 220 12.62 -19.81 -13.01
N TYR A 221 11.44 -19.98 -12.43
CA TYR A 221 11.13 -19.42 -11.11
C TYR A 221 11.87 -20.11 -9.98
N MET A 222 12.50 -21.26 -10.22
CA MET A 222 13.10 -22.04 -9.15
C MET A 222 14.60 -21.85 -9.06
N THR A 223 15.14 -20.86 -9.79
CA THR A 223 16.58 -20.66 -9.84
C THR A 223 16.87 -19.17 -9.75
N VAL A 224 17.80 -18.77 -8.89
CA VAL A 224 18.32 -17.41 -8.94
C VAL A 224 19.02 -17.21 -10.29
N ASP A 225 18.78 -16.06 -10.94
CA ASP A 225 19.43 -15.84 -12.21
C ASP A 225 20.94 -15.97 -12.03
N PRO A 226 21.66 -16.73 -12.88
CA PRO A 226 23.12 -16.91 -12.64
C PRO A 226 23.94 -15.63 -12.81
N HIS A 227 23.40 -14.60 -13.45
CA HIS A 227 24.11 -13.31 -13.48
C HIS A 227 23.93 -12.56 -12.18
N PHE A 228 22.98 -12.97 -11.35
CA PHE A 228 22.79 -12.41 -10.03
C PHE A 228 23.46 -13.21 -8.94
N GLY A 229 23.52 -14.53 -9.07
CA GLY A 229 24.00 -15.33 -7.95
C GLY A 229 23.48 -16.75 -8.04
N ASP A 230 23.46 -17.42 -6.89
CA ASP A 230 23.00 -18.80 -6.80
C ASP A 230 22.27 -18.94 -5.48
N ALA A 231 21.74 -20.13 -5.23
CA ALA A 231 20.93 -20.35 -4.03
C ALA A 231 21.74 -20.07 -2.77
N LYS A 232 23.00 -20.54 -2.71
CA LYS A 232 23.80 -20.35 -1.48
C LYS A 232 23.99 -18.88 -1.19
N LEU A 233 24.26 -18.08 -2.24
CA LEU A 233 24.47 -16.66 -2.03
C LEU A 233 23.17 -15.96 -1.61
N PHE A 234 22.03 -16.38 -2.17
CA PHE A 234 20.78 -15.75 -1.75
C PHE A 234 20.50 -16.07 -0.27
N LYS A 235 20.72 -17.33 0.15
CA LYS A 235 20.55 -17.66 1.56
C LYS A 235 21.45 -16.79 2.43
N GLN A 236 22.71 -16.62 2.00
CA GLN A 236 23.64 -15.78 2.75
C GLN A 236 23.13 -14.34 2.84
N LEU A 237 22.57 -13.80 1.75
CA LEU A 237 22.02 -12.46 1.78
C LEU A 237 20.84 -12.36 2.74
N VAL A 238 19.89 -13.32 2.68
CA VAL A 238 18.72 -13.23 3.58
C VAL A 238 19.18 -13.30 5.04
N GLN A 239 20.11 -14.22 5.36
CA GLN A 239 20.53 -14.31 6.75
C GLN A 239 21.29 -13.08 7.20
N ALA A 240 22.07 -12.47 6.30
CA ALA A 240 22.81 -11.27 6.68
C ALA A 240 21.84 -10.09 6.88
N ALA A 241 20.82 -10.01 6.03
CA ALA A 241 19.80 -8.98 6.21
C ALA A 241 19.10 -9.18 7.55
N HIS A 242 18.66 -10.42 7.83
CA HIS A 242 17.93 -10.67 9.08
C HIS A 242 18.79 -10.38 10.30
N GLU A 243 20.09 -10.70 10.24
CA GLU A 243 20.98 -10.38 11.36
C GLU A 243 21.00 -8.89 11.68
N ARG A 244 20.83 -8.04 10.66
CA ARG A 244 20.81 -6.60 10.86
C ARG A 244 19.41 -6.05 11.10
N GLY A 245 18.43 -6.93 11.32
CA GLY A 245 17.06 -6.47 11.53
C GLY A 245 16.39 -5.98 10.26
N ILE A 246 16.77 -6.54 9.10
CA ILE A 246 16.21 -6.15 7.79
C ILE A 246 15.42 -7.33 7.22
N ARG A 247 14.11 -7.14 7.02
CA ARG A 247 13.27 -8.15 6.41
C ARG A 247 13.45 -8.13 4.88
N VAL A 248 13.00 -9.18 4.21
CA VAL A 248 13.23 -9.32 2.76
C VAL A 248 11.93 -9.68 2.05
N MET A 249 11.61 -8.89 1.03
CA MET A 249 10.46 -9.11 0.17
C MET A 249 10.93 -9.35 -1.26
N LEU A 250 10.45 -10.44 -1.87
CA LEU A 250 10.74 -10.74 -3.27
C LEU A 250 9.54 -10.44 -4.16
N ASP A 251 9.80 -10.36 -5.47
CA ASP A 251 8.80 -10.05 -6.48
C ASP A 251 8.36 -11.35 -7.14
N ALA A 252 7.07 -11.66 -7.04
CA ALA A 252 6.44 -12.86 -7.65
C ALA A 252 5.75 -12.42 -8.93
N VAL A 253 6.21 -12.92 -10.06
CA VAL A 253 5.71 -12.53 -11.36
C VAL A 253 4.86 -13.68 -11.87
N PHE A 254 3.61 -13.76 -11.39
CA PHE A 254 2.78 -14.93 -11.66
C PHE A 254 1.72 -14.69 -12.71
N ASN A 255 1.53 -13.44 -13.19
CA ASN A 255 0.49 -13.21 -14.19
C ASN A 255 0.90 -13.79 -15.54
N HIS A 256 2.21 -13.76 -15.82
CA HIS A 256 2.71 -14.10 -17.14
C HIS A 256 4.08 -14.71 -16.92
N ILE A 257 4.53 -15.48 -17.91
CA ILE A 257 5.85 -16.11 -17.90
C ILE A 257 6.60 -15.56 -19.10
N GLY A 258 7.94 -15.74 -19.12
CA GLY A 258 8.69 -15.32 -20.31
C GLY A 258 8.60 -16.35 -21.42
N ASP A 259 8.78 -15.88 -22.64
CA ASP A 259 8.73 -16.77 -23.80
C ASP A 259 9.92 -17.71 -23.91
N LYS A 260 10.97 -17.57 -23.10
CA LYS A 260 12.08 -18.49 -23.10
C LYS A 260 11.97 -19.56 -22.01
N SER A 261 10.84 -19.58 -21.29
CA SER A 261 10.61 -20.65 -20.31
C SER A 261 10.49 -22.01 -20.99
N VAL A 262 10.79 -23.07 -20.25
CA VAL A 262 10.57 -24.43 -20.74
C VAL A 262 9.14 -24.60 -21.21
N GLN A 263 8.18 -24.06 -20.44
CA GLN A 263 6.76 -24.28 -20.73
C GLN A 263 6.37 -23.63 -22.06
N TRP A 264 6.77 -22.36 -22.26
CA TRP A 264 6.37 -21.72 -23.51
C TRP A 264 7.13 -22.31 -24.69
N GLN A 265 8.42 -22.63 -24.49
CA GLN A 265 9.15 -23.23 -25.58
C GLN A 265 8.53 -24.56 -25.99
N ASP A 266 7.97 -25.30 -25.02
CA ASP A 266 7.29 -26.56 -25.37
C ASP A 266 6.05 -26.29 -26.22
N VAL A 267 5.28 -25.22 -25.89
CA VAL A 267 4.17 -24.82 -26.76
C VAL A 267 4.66 -24.48 -28.16
N LEU A 268 5.77 -23.78 -28.28
CA LEU A 268 6.23 -23.43 -29.64
C LEU A 268 6.67 -24.66 -30.42
N LYS A 269 7.21 -25.67 -29.73
CA LYS A 269 7.64 -26.90 -30.40
C LYS A 269 6.46 -27.82 -30.75
N ASN A 270 5.57 -28.03 -29.78
CA ASN A 270 4.54 -29.06 -29.89
C ASN A 270 3.13 -28.53 -30.15
N GLU A 271 2.91 -27.21 -30.10
CA GLU A 271 1.61 -26.62 -30.42
C GLU A 271 0.55 -27.16 -29.48
N GLN A 272 -0.62 -27.55 -29.97
CA GLN A 272 -1.65 -28.00 -29.05
C GLN A 272 -1.35 -29.38 -28.46
N ALA A 273 -0.36 -30.10 -28.98
CA ALA A 273 0.07 -31.33 -28.33
C ALA A 273 1.00 -31.07 -27.14
N SER A 274 1.34 -29.82 -26.85
CA SER A 274 2.13 -29.57 -25.66
C SER A 274 1.29 -29.84 -24.41
N PRO A 275 1.85 -30.51 -23.40
CA PRO A 275 1.13 -30.63 -22.12
C PRO A 275 0.93 -29.29 -21.45
N TYR A 276 1.64 -28.23 -21.90
CA TYR A 276 1.50 -26.91 -21.31
C TYR A 276 0.56 -26.01 -22.09
N ALA A 277 -0.06 -26.50 -23.16
CA ALA A 277 -0.95 -25.63 -23.93
C ALA A 277 -2.00 -24.93 -23.05
N ASP A 278 -2.65 -25.67 -22.14
CA ASP A 278 -3.68 -25.10 -21.28
C ASP A 278 -3.10 -24.39 -20.06
N TRP A 279 -1.77 -24.29 -19.93
CA TRP A 279 -1.18 -23.39 -18.94
C TRP A 279 -1.24 -21.94 -19.42
N PHE A 280 -1.69 -21.72 -20.65
CA PHE A 280 -1.70 -20.39 -21.27
C PHE A 280 -3.09 -20.08 -21.77
N HIS A 281 -3.24 -18.97 -22.48
CA HIS A 281 -4.49 -18.50 -23.08
C HIS A 281 -4.26 -18.35 -24.56
N ILE A 282 -4.26 -19.48 -25.26
CA ILE A 282 -3.94 -19.53 -26.67
C ILE A 282 -5.22 -19.60 -27.46
N HIS A 283 -5.45 -18.60 -28.32
CA HIS A 283 -6.68 -18.54 -29.10
C HIS A 283 -6.59 -19.30 -30.41
N GLN A 284 -5.40 -19.39 -30.97
CA GLN A 284 -5.21 -20.06 -32.24
C GLN A 284 -3.79 -20.62 -32.26
N PHE A 285 -3.64 -21.85 -32.75
CA PHE A 285 -2.36 -22.51 -32.96
C PHE A 285 -2.03 -22.45 -34.44
N PRO A 286 -0.73 -22.38 -34.78
CA PRO A 286 0.38 -22.22 -33.85
C PRO A 286 0.37 -20.87 -33.11
N ALA A 287 0.93 -20.86 -31.92
CA ALA A 287 1.03 -19.62 -31.14
C ALA A 287 2.05 -18.71 -31.82
N THR A 288 1.59 -17.58 -32.33
CA THR A 288 2.45 -16.76 -33.17
C THR A 288 2.06 -15.30 -33.05
N TYR A 289 2.88 -14.46 -33.68
CA TYR A 289 2.68 -13.01 -33.72
C TYR A 289 3.53 -12.47 -34.86
N THR A 290 3.17 -11.26 -35.31
CA THR A 290 3.96 -10.57 -36.33
C THR A 290 4.91 -9.60 -35.61
N PRO A 291 6.22 -9.75 -35.74
CA PRO A 291 7.16 -8.85 -35.07
C PRO A 291 7.00 -7.43 -35.59
N THR A 292 7.28 -6.47 -34.73
CA THR A 292 7.35 -5.05 -35.09
C THR A 292 8.72 -4.51 -34.71
N ASP A 293 8.97 -3.25 -35.08
CA ASP A 293 10.24 -2.63 -34.72
C ASP A 293 10.39 -2.43 -33.21
N ASN A 294 9.32 -2.54 -32.43
CA ASN A 294 9.39 -2.47 -30.97
C ASN A 294 9.34 -3.91 -30.45
N PHE A 295 10.44 -4.36 -29.86
CA PHE A 295 10.52 -5.74 -29.33
C PHE A 295 9.37 -6.05 -28.37
N GLU A 296 8.88 -5.03 -27.68
CA GLU A 296 7.84 -5.24 -26.68
C GLU A 296 6.41 -5.02 -27.19
N PHE A 297 6.21 -5.01 -28.52
CA PHE A 297 4.86 -4.80 -29.04
C PHE A 297 4.58 -5.73 -30.22
N ALA A 298 3.44 -6.40 -30.20
CA ALA A 298 2.89 -7.07 -31.38
C ALA A 298 1.39 -6.81 -31.38
N ALA A 299 0.82 -6.58 -32.56
CA ALA A 299 -0.59 -6.23 -32.68
C ALA A 299 -1.52 -7.44 -32.72
N ASP A 300 -0.99 -8.62 -32.99
CA ASP A 300 -1.81 -9.75 -33.42
C ASP A 300 -1.37 -11.07 -32.80
N ALA A 301 -0.74 -11.07 -31.64
CA ALA A 301 -0.40 -12.36 -31.05
C ALA A 301 -1.62 -13.20 -30.83
N THR A 302 -1.49 -14.50 -31.09
CA THR A 302 -2.65 -15.39 -31.01
C THR A 302 -2.86 -15.94 -29.60
N TYR A 303 -2.28 -15.29 -28.61
CA TYR A 303 -2.38 -15.68 -27.22
C TYR A 303 -2.40 -14.41 -26.36
N ASP A 304 -3.09 -14.45 -25.23
CA ASP A 304 -3.09 -13.32 -24.33
C ASP A 304 -1.71 -13.11 -23.72
N THR A 305 -1.36 -11.86 -23.47
CA THR A 305 -0.06 -11.46 -22.98
C THR A 305 -0.21 -10.40 -21.90
N PHE A 306 0.87 -10.15 -21.17
CA PHE A 306 0.96 -8.85 -20.49
C PHE A 306 0.90 -7.75 -21.55
N ASP A 307 0.09 -6.70 -21.33
CA ASP A 307 0.04 -5.56 -22.26
C ASP A 307 -0.11 -6.12 -23.67
N TYR A 308 0.76 -5.74 -24.63
CA TYR A 308 0.77 -6.28 -26.00
C TYR A 308 2.15 -6.86 -26.31
N THR A 309 2.91 -7.29 -25.27
CA THR A 309 4.24 -7.82 -25.56
C THR A 309 4.21 -9.33 -25.83
N PRO A 310 4.69 -9.76 -26.99
CA PRO A 310 4.59 -11.20 -27.31
C PRO A 310 5.55 -12.03 -26.46
N HIS A 311 6.43 -11.40 -25.69
CA HIS A 311 7.42 -12.15 -24.92
C HIS A 311 6.93 -12.50 -23.52
N MET A 312 5.70 -12.11 -23.15
CA MET A 312 5.13 -12.37 -21.83
C MET A 312 3.75 -13.02 -21.96
N PRO A 313 3.69 -14.27 -22.43
CA PRO A 313 2.39 -14.97 -22.47
C PRO A 313 1.75 -15.07 -21.08
N LYS A 314 0.44 -14.77 -21.04
CA LYS A 314 -0.30 -14.82 -19.79
C LYS A 314 -0.48 -16.26 -19.31
N LEU A 315 -0.27 -16.48 -18.01
CA LEU A 315 -0.50 -17.81 -17.42
C LEU A 315 -1.98 -18.03 -17.13
N ASN A 316 -2.44 -19.27 -17.33
CA ASN A 316 -3.82 -19.64 -16.99
C ASN A 316 -3.89 -20.13 -15.54
N THR A 317 -4.08 -19.17 -14.61
CA THR A 317 -4.08 -19.50 -13.20
C THR A 317 -5.35 -20.17 -12.75
N SER A 318 -6.34 -20.34 -13.63
CA SER A 318 -7.50 -21.22 -13.35
C SER A 318 -7.16 -22.69 -13.48
N ASN A 319 -6.09 -23.03 -14.19
CA ASN A 319 -5.77 -24.42 -14.43
C ASN A 319 -5.15 -24.99 -13.16
N PRO A 320 -5.69 -26.09 -12.59
CA PRO A 320 -5.12 -26.60 -11.32
C PRO A 320 -3.63 -26.97 -11.40
N GLU A 321 -3.11 -27.37 -12.58
CA GLU A 321 -1.67 -27.62 -12.66
C GLU A 321 -0.88 -26.35 -12.51
N VAL A 322 -1.38 -25.25 -13.07
CA VAL A 322 -0.68 -23.96 -12.90
C VAL A 322 -0.77 -23.52 -11.45
N VAL A 323 -1.96 -23.68 -10.83
CA VAL A 323 -2.07 -23.35 -9.40
C VAL A 323 -1.04 -24.08 -8.59
N ASP A 324 -0.94 -25.40 -8.80
CA ASP A 324 0.00 -26.19 -8.00
C ASP A 324 1.43 -25.74 -8.28
N TYR A 325 1.76 -25.49 -9.55
CA TYR A 325 3.11 -25.03 -9.89
C TYR A 325 3.47 -23.72 -9.18
N LEU A 326 2.57 -22.76 -9.22
CA LEU A 326 2.85 -21.44 -8.64
C LEU A 326 2.85 -21.49 -7.11
N LEU A 327 1.97 -22.29 -6.50
CA LEU A 327 2.01 -22.43 -5.04
C LEU A 327 3.29 -23.11 -4.59
N ASN A 328 3.77 -24.07 -5.37
CA ASN A 328 5.04 -24.72 -5.02
CA ASN A 328 5.03 -24.71 -5.00
C ASN A 328 6.20 -23.72 -5.09
N ILE A 329 6.20 -22.83 -6.09
CA ILE A 329 7.21 -21.77 -6.15
C ILE A 329 7.10 -20.84 -4.94
N ALA A 330 5.89 -20.38 -4.65
CA ALA A 330 5.66 -19.44 -3.56
C ALA A 330 6.12 -20.02 -2.23
N THR A 331 5.86 -21.34 -2.03
CA THR A 331 6.26 -22.04 -0.79
CA THR A 331 6.28 -21.92 -0.76
C THR A 331 7.77 -22.24 -0.73
N TYR A 332 8.39 -22.58 -1.88
CA TYR A 332 9.81 -22.93 -1.85
C TYR A 332 10.65 -21.77 -1.35
N TRP A 333 10.42 -20.55 -1.87
CA TRP A 333 11.31 -19.47 -1.45
C TRP A 333 11.13 -19.12 0.02
N VAL A 334 9.89 -19.26 0.54
CA VAL A 334 9.62 -19.00 1.95
C VAL A 334 10.25 -20.08 2.81
N LYS A 335 9.99 -21.34 2.48
CA LYS A 335 10.45 -22.43 3.35
C LYS A 335 11.96 -22.57 3.33
N GLU A 336 12.57 -22.44 2.15
CA GLU A 336 13.98 -22.72 2.05
C GLU A 336 14.85 -21.52 2.36
N PHE A 337 14.34 -20.30 2.15
CA PHE A 337 15.16 -19.10 2.30
C PHE A 337 14.61 -18.15 3.32
N ASP A 338 13.43 -18.42 3.90
CA ASP A 338 12.93 -17.62 5.03
C ASP A 338 12.63 -16.17 4.63
N ILE A 339 12.25 -15.92 3.37
CA ILE A 339 11.79 -14.57 3.04
C ILE A 339 10.52 -14.20 3.84
N ASP A 340 10.30 -12.88 3.99
CA ASP A 340 9.27 -12.38 4.87
C ASP A 340 8.01 -11.91 4.16
N ALA A 341 8.07 -11.75 2.83
CA ALA A 341 6.97 -11.11 2.11
C ALA A 341 7.11 -11.41 0.62
N TRP A 342 5.96 -11.38 -0.06
CA TRP A 342 5.95 -11.45 -1.53
C TRP A 342 5.26 -10.17 -2.01
N ARG A 343 5.85 -9.52 -3.02
CA ARG A 343 5.19 -8.46 -3.80
C ARG A 343 4.72 -9.09 -5.11
N LEU A 344 3.43 -8.94 -5.41
CA LEU A 344 2.80 -9.69 -6.47
C LEU A 344 2.62 -8.81 -7.69
N ASP A 345 3.40 -9.08 -8.73
CA ASP A 345 3.35 -8.27 -9.94
C ASP A 345 2.01 -8.46 -10.68
N VAL A 346 1.47 -7.34 -11.20
CA VAL A 346 0.22 -7.34 -12.02
C VAL A 346 -0.82 -8.20 -11.29
N ALA A 347 -0.98 -7.98 -9.97
CA ALA A 347 -1.78 -8.92 -9.16
C ALA A 347 -3.24 -8.86 -9.52
N ASN A 348 -3.71 -7.71 -9.99
CA ASN A 348 -5.12 -7.54 -10.33
C ASN A 348 -5.58 -8.43 -11.47
N GLU A 349 -4.67 -8.91 -12.33
CA GLU A 349 -5.04 -9.69 -13.50
C GLU A 349 -5.11 -11.19 -13.24
N ILE A 350 -4.86 -11.60 -12.00
CA ILE A 350 -4.99 -12.98 -11.56
C ILE A 350 -6.23 -13.12 -10.70
N ASP A 351 -6.92 -14.25 -10.81
CA ASP A 351 -8.23 -14.40 -10.17
C ASP A 351 -8.15 -14.50 -8.65
N HIS A 352 -9.27 -14.14 -8.04
CA HIS A 352 -9.39 -14.20 -6.57
C HIS A 352 -9.29 -15.64 -6.06
N HIS A 353 -9.79 -16.62 -6.82
CA HIS A 353 -9.68 -18.00 -6.37
C HIS A 353 -8.22 -18.37 -6.09
N PHE A 354 -7.32 -18.00 -6.99
CA PHE A 354 -5.91 -18.27 -6.81
C PHE A 354 -5.37 -17.51 -5.62
N TRP A 355 -5.70 -16.22 -5.51
CA TRP A 355 -5.11 -15.47 -4.39
C TRP A 355 -5.58 -15.97 -3.03
N ARG A 356 -6.81 -16.56 -2.95
CA ARG A 356 -7.24 -17.12 -1.67
C ARG A 356 -6.40 -18.36 -1.33
N LYS A 357 -6.13 -19.20 -2.33
CA LYS A 357 -5.24 -20.36 -2.08
C LYS A 357 -3.82 -19.92 -1.73
N PHE A 358 -3.34 -18.87 -2.39
CA PHE A 358 -2.02 -18.34 -2.10
C PHE A 358 -1.96 -17.83 -0.67
N HIS A 359 -2.94 -17.01 -0.27
CA HIS A 359 -3.01 -16.49 1.10
C HIS A 359 -3.01 -17.63 2.10
N ASP A 360 -3.86 -18.65 1.88
CA ASP A 360 -3.95 -19.75 2.83
C ASP A 360 -2.61 -20.47 2.94
N ALA A 361 -1.92 -20.69 1.79
CA ALA A 361 -0.65 -21.38 1.84
C ALA A 361 0.41 -20.56 2.58
N MET A 362 0.45 -19.25 2.32
CA MET A 362 1.48 -18.44 2.97
C MET A 362 1.23 -18.35 4.47
N MET A 363 -0.02 -18.17 4.88
CA MET A 363 -0.28 -17.98 6.31
C MET A 363 -0.08 -19.28 7.08
N ALA A 364 -0.28 -20.44 6.44
CA ALA A 364 0.01 -21.71 7.07
C ALA A 364 1.49 -21.87 7.32
N LEU A 365 2.34 -21.32 6.45
CA LEU A 365 3.79 -21.35 6.68
C LEU A 365 4.24 -20.31 7.72
N LYS A 366 3.77 -19.07 7.57
CA LYS A 366 4.21 -17.94 8.38
C LYS A 366 2.99 -17.10 8.67
N PRO A 367 2.45 -17.20 9.87
CA PRO A 367 1.24 -16.44 10.19
C PRO A 367 1.39 -14.94 10.07
N ASP A 368 2.61 -14.40 10.19
CA ASP A 368 2.88 -12.98 10.06
C ASP A 368 3.32 -12.59 8.64
N PHE A 369 3.05 -13.41 7.63
CA PHE A 369 3.55 -13.09 6.30
C PHE A 369 2.90 -11.82 5.76
N TYR A 370 3.62 -11.06 4.93
CA TYR A 370 3.10 -9.83 4.31
C TYR A 370 2.94 -10.08 2.82
N ILE A 371 1.74 -9.87 2.33
CA ILE A 371 1.42 -10.10 0.90
C ILE A 371 1.03 -8.77 0.29
N LEU A 372 1.83 -8.28 -0.65
CA LEU A 372 1.63 -6.92 -1.18
C LEU A 372 1.30 -7.02 -2.66
N GLY A 373 0.13 -6.53 -3.07
CA GLY A 373 -0.24 -6.59 -4.49
C GLY A 373 0.17 -5.34 -5.25
N GLN A 374 0.72 -5.54 -6.46
CA GLN A 374 0.97 -4.41 -7.34
C GLN A 374 -0.29 -4.12 -8.14
N ILE A 375 -1.06 -3.14 -7.67
CA ILE A 375 -2.32 -2.71 -8.28
C ILE A 375 -2.34 -1.19 -8.19
N TRP A 376 -2.61 -0.50 -9.32
CA TRP A 376 -2.56 0.97 -9.39
C TRP A 376 -3.90 1.61 -9.07
N HIS A 377 -4.99 0.86 -9.19
CA HIS A 377 -6.36 1.36 -9.04
C HIS A 377 -6.94 0.89 -7.70
N THR A 378 -8.18 1.27 -7.42
CA THR A 378 -8.71 0.90 -6.11
C THR A 378 -8.81 -0.63 -5.96
N SER A 379 -8.56 -1.10 -4.74
CA SER A 379 -8.27 -2.49 -4.53
C SER A 379 -9.11 -3.17 -3.45
N GLN A 380 -10.31 -2.65 -3.19
CA GLN A 380 -11.09 -3.15 -2.08
C GLN A 380 -11.29 -4.67 -2.10
N SER A 381 -11.54 -5.25 -3.28
CA SER A 381 -11.87 -6.68 -3.34
C SER A 381 -10.70 -7.59 -2.99
N TRP A 382 -9.46 -7.08 -3.00
CA TRP A 382 -8.31 -7.87 -2.62
C TRP A 382 -7.88 -7.66 -1.18
N LEU A 383 -8.55 -6.78 -0.46
CA LEU A 383 -8.10 -6.34 0.87
C LEU A 383 -9.12 -6.60 1.96
N VAL A 384 -9.92 -7.65 1.77
CA VAL A 384 -10.94 -8.02 2.76
C VAL A 384 -10.33 -8.77 3.95
N GLY A 385 -9.21 -9.46 3.74
CA GLY A 385 -8.59 -10.23 4.81
C GLY A 385 -8.21 -11.66 4.39
N ASP A 386 -8.61 -12.07 3.18
CA ASP A 386 -8.46 -13.44 2.70
C ASP A 386 -7.54 -13.56 1.49
N GLU A 387 -6.96 -12.43 1.06
CA GLU A 387 -6.11 -12.37 -0.13
C GLU A 387 -4.84 -11.61 0.21
N PHE A 388 -4.77 -10.32 -0.10
CA PHE A 388 -3.54 -9.57 0.17
C PHE A 388 -3.60 -8.93 1.56
N THR A 389 -2.43 -8.52 2.04
CA THR A 389 -2.36 -7.63 3.21
C THR A 389 -2.54 -6.19 2.76
N ALA A 390 -2.00 -5.84 1.58
CA ALA A 390 -1.96 -4.45 1.17
C ALA A 390 -1.73 -4.41 -0.31
N VAL A 391 -1.83 -3.19 -0.87
CA VAL A 391 -1.40 -2.94 -2.23
C VAL A 391 -0.44 -1.75 -2.22
N MET A 392 0.26 -1.59 -3.34
N MET A 392 0.26 -1.61 -3.35
CA MET A 392 1.05 -0.39 -3.56
CA MET A 392 1.03 -0.40 -3.62
C MET A 392 0.10 0.78 -3.67
C MET A 392 0.09 0.78 -3.68
N ASN A 393 0.42 1.83 -2.94
CA ASN A 393 -0.56 2.88 -2.74
C ASN A 393 -0.39 4.00 -3.75
N TYR A 394 -0.37 3.62 -5.02
CA TYR A 394 -0.06 4.56 -6.12
C TYR A 394 -1.00 5.75 -6.16
N SER A 395 -2.29 5.55 -5.86
CA SER A 395 -3.20 6.69 -5.98
C SER A 395 -2.95 7.71 -4.87
N TYR A 396 -2.57 7.22 -3.69
CA TYR A 396 -2.32 8.07 -2.54
C TYR A 396 -1.04 8.89 -2.74
N THR A 397 0.07 8.21 -3.06
CA THR A 397 1.30 8.97 -3.29
C THR A 397 1.17 9.82 -4.55
N GLY A 398 0.43 9.35 -5.57
CA GLY A 398 0.26 10.19 -6.77
C GLY A 398 -0.44 11.49 -6.44
N ALA A 399 -1.43 11.45 -5.55
CA ALA A 399 -2.13 12.67 -5.12
C ALA A 399 -1.17 13.60 -4.39
N ILE A 400 -0.32 13.04 -3.50
CA ILE A 400 0.66 13.89 -2.82
C ILE A 400 1.58 14.57 -3.84
N LEU A 401 2.14 13.79 -4.78
CA LEU A 401 3.03 14.38 -5.79
C LEU A 401 2.31 15.50 -6.55
N GLN A 402 1.06 15.24 -7.00
CA GLN A 402 0.35 16.26 -7.75
C GLN A 402 0.23 17.55 -6.95
N TYR A 403 -0.11 17.45 -5.67
CA TYR A 403 -0.22 18.65 -4.86
C TYR A 403 1.10 19.43 -4.80
N PHE A 404 2.17 18.75 -4.42
CA PHE A 404 3.41 19.47 -4.20
C PHE A 404 3.99 20.03 -5.49
N LEU A 405 3.75 19.36 -6.62
CA LEU A 405 4.43 19.72 -7.85
C LEU A 405 3.63 20.69 -8.69
N GLU A 406 2.33 20.84 -8.40
CA GLU A 406 1.46 21.70 -9.18
C GLU A 406 0.84 22.74 -8.26
N ASN A 407 -0.36 23.24 -8.56
CA ASN A 407 -0.88 24.38 -7.82
C ASN A 407 -2.30 24.16 -7.32
N GLU A 408 -2.71 22.92 -7.12
CA GLU A 408 -4.08 22.73 -6.63
C GLU A 408 -4.20 23.14 -5.17
N SER A 409 -5.46 23.27 -4.73
CA SER A 409 -5.71 23.62 -3.35
C SER A 409 -5.29 22.49 -2.40
N ALA A 410 -4.96 22.90 -1.19
CA ALA A 410 -4.79 21.94 -0.13
C ALA A 410 -6.08 21.14 0.06
N ASP A 411 -7.25 21.78 -0.13
CA ASP A 411 -8.52 21.08 0.01
C ASP A 411 -8.56 19.88 -0.92
N ALA A 412 -8.15 20.09 -2.18
CA ALA A 412 -8.21 18.99 -3.14
C ALA A 412 -7.36 17.79 -2.67
N LEU A 413 -6.15 18.06 -2.16
CA LEU A 413 -5.30 16.95 -1.70
C LEU A 413 -5.94 16.24 -0.51
N VAL A 414 -6.45 17.01 0.46
CA VAL A 414 -7.01 16.39 1.65
C VAL A 414 -8.22 15.56 1.27
N GLN A 415 -9.04 16.05 0.35
CA GLN A 415 -10.19 15.27 -0.11
C GLN A 415 -9.77 13.94 -0.73
N LYS A 416 -8.71 13.95 -1.56
CA LYS A 416 -8.26 12.71 -2.20
C LYS A 416 -7.71 11.71 -1.19
N MET A 417 -6.89 12.19 -0.23
CA MET A 417 -6.35 11.28 0.76
C MET A 417 -7.48 10.72 1.63
N SER A 418 -8.46 11.56 1.98
CA SER A 418 -9.57 11.10 2.80
C SER A 418 -10.39 10.04 2.08
N HIS A 419 -10.66 10.28 0.78
CA HIS A 419 -11.35 9.28 -0.01
C HIS A 419 -10.63 7.92 0.04
N GLN A 420 -9.29 7.95 -0.14
CA GLN A 420 -8.50 6.71 -0.12
C GLN A 420 -8.63 5.98 1.23
N LEU A 421 -8.48 6.70 2.34
CA LEU A 421 -8.54 6.01 3.62
C LEU A 421 -9.91 5.39 3.85
N MET A 422 -10.96 6.03 3.36
CA MET A 422 -12.31 5.53 3.60
C MET A 422 -12.68 4.37 2.70
N LEU A 423 -11.83 3.99 1.73
CA LEU A 423 -12.07 2.77 0.95
C LEU A 423 -11.80 1.51 1.73
N TYR A 424 -10.96 1.57 2.77
CA TYR A 424 -10.38 0.36 3.33
C TYR A 424 -10.57 0.32 4.84
N ARG A 425 -10.42 -0.87 5.42
CA ARG A 425 -10.41 -1.01 6.87
C ARG A 425 -9.25 -0.23 7.47
N ASP A 426 -9.42 0.22 8.72
CA ASP A 426 -8.37 1.05 9.33
C ASP A 426 -7.02 0.30 9.37
N ALA A 427 -7.02 -0.98 9.73
CA ALA A 427 -5.75 -1.70 9.83
C ALA A 427 -5.11 -1.85 8.46
N THR A 428 -5.91 -2.02 7.40
CA THR A 428 -5.39 -2.11 6.06
C THR A 428 -4.66 -0.84 5.69
N ASN A 429 -5.19 0.32 6.07
CA ASN A 429 -4.55 1.58 5.68
C ASN A 429 -3.14 1.66 6.23
N ARG A 430 -2.88 1.02 7.38
N ARG A 430 -2.87 1.03 7.36
CA ARG A 430 -1.55 1.02 7.98
CA ARG A 430 -1.53 1.06 7.95
C ARG A 430 -0.58 0.12 7.24
C ARG A 430 -0.58 0.08 7.29
N MET A 431 -1.08 -0.79 6.41
CA MET A 431 -0.23 -1.76 5.71
C MET A 431 0.03 -1.34 4.27
N MET A 432 -0.68 -0.32 3.74
CA MET A 432 -0.51 0.10 2.36
C MET A 432 0.90 0.63 2.15
N PHE A 433 1.45 0.37 0.97
CA PHE A 433 2.88 0.58 0.74
C PHE A 433 3.06 1.87 -0.05
N ASN A 434 3.72 2.85 0.56
CA ASN A 434 3.83 4.20 -0.02
C ASN A 434 5.24 4.44 -0.57
N THR A 435 5.33 4.56 -1.86
CA THR A 435 6.59 4.95 -2.49
C THR A 435 6.30 6.09 -3.46
N VAL A 436 7.16 7.11 -3.50
CA VAL A 436 6.87 8.22 -4.42
C VAL A 436 7.41 7.98 -5.82
N ASP A 437 8.31 7.00 -5.99
CA ASP A 437 8.80 6.64 -7.30
C ASP A 437 9.26 5.19 -7.28
N SER A 438 9.60 4.67 -8.44
CA SER A 438 9.94 3.26 -8.55
C SER A 438 10.63 3.06 -9.90
N HIS A 439 10.82 1.78 -10.24
CA HIS A 439 11.45 1.41 -11.49
C HIS A 439 10.53 1.60 -12.67
N ASP A 440 9.31 2.07 -12.46
CA ASP A 440 8.33 2.30 -13.54
C ASP A 440 7.83 3.75 -13.62
N THR A 441 8.40 4.66 -12.89
CA THR A 441 8.00 6.06 -12.98
C THR A 441 9.22 6.97 -12.98
N PRO A 442 9.10 8.27 -13.26
CA PRO A 442 10.26 9.17 -13.10
C PRO A 442 10.69 9.28 -11.66
N ARG A 443 11.99 9.57 -11.48
CA ARG A 443 12.53 9.77 -10.12
C ARG A 443 12.01 11.06 -9.48
N LEU A 444 11.86 11.02 -8.16
CA LEU A 444 11.47 12.18 -7.36
C LEU A 444 12.27 13.42 -7.70
N MET A 445 13.59 13.31 -7.76
CA MET A 445 14.37 14.54 -7.92
C MET A 445 14.14 15.12 -9.32
N THR A 446 13.82 14.27 -10.31
CA THR A 446 13.46 14.76 -11.63
C THR A 446 12.07 15.40 -11.64
N LEU A 447 11.10 14.75 -10.97
CA LEU A 447 9.76 15.35 -10.88
C LEU A 447 9.81 16.71 -10.19
N ALA A 448 10.70 16.86 -9.21
CA ALA A 448 10.86 18.10 -8.47
C ALA A 448 11.75 19.10 -9.21
N HIS A 449 12.21 18.77 -10.41
CA HIS A 449 13.08 19.71 -11.16
C HIS A 449 14.30 20.13 -10.34
N GLU A 450 14.88 19.14 -9.64
CA GLU A 450 16.07 19.30 -8.82
C GLU A 450 15.90 20.28 -7.67
N ASP A 451 14.65 20.56 -7.26
CA ASP A 451 14.40 21.40 -6.08
C ASP A 451 14.44 20.49 -4.86
N LYS A 452 15.55 20.52 -4.15
CA LYS A 452 15.73 19.60 -3.04
C LYS A 452 14.78 19.90 -1.88
N GLN A 453 14.48 21.17 -1.62
N GLN A 453 14.49 21.18 -1.62
CA GLN A 453 13.52 21.45 -0.57
CA GLN A 453 13.52 21.50 -0.58
C GLN A 453 12.16 20.84 -0.88
C GLN A 453 12.15 20.87 -0.87
N LEU A 454 11.74 20.90 -2.14
CA LEU A 454 10.49 20.30 -2.52
C LEU A 454 10.53 18.78 -2.38
N ALA A 455 11.63 18.17 -2.78
CA ALA A 455 11.77 16.73 -2.59
C ALA A 455 11.69 16.35 -1.13
N LYS A 456 12.40 17.07 -0.25
CA LYS A 456 12.31 16.82 1.20
C LYS A 456 10.88 16.95 1.69
N SER A 457 10.15 17.98 1.24
CA SER A 457 8.76 18.15 1.69
C SER A 457 7.87 16.98 1.26
N ILE A 458 8.03 16.52 0.02
CA ILE A 458 7.24 15.39 -0.47
C ILE A 458 7.54 14.14 0.35
N LEU A 459 8.83 13.85 0.56
CA LEU A 459 9.19 12.67 1.35
C LEU A 459 8.63 12.78 2.76
N THR A 460 8.79 13.93 3.40
CA THR A 460 8.36 14.05 4.79
C THR A 460 6.83 13.89 4.89
N PHE A 461 6.10 14.59 4.01
CA PHE A 461 4.64 14.46 4.04
C PHE A 461 4.23 13.01 3.86
N THR A 462 4.88 12.30 2.95
CA THR A 462 4.55 10.89 2.72
C THR A 462 4.89 10.04 3.95
N PHE A 463 6.05 10.29 4.59
CA PHE A 463 6.44 9.47 5.74
C PHE A 463 5.54 9.72 6.95
N MET A 464 4.74 10.82 6.97
CA MET A 464 3.80 11.03 8.05
CA MET A 464 3.78 11.06 8.04
C MET A 464 2.49 10.27 7.85
N GLN A 465 2.27 9.67 6.68
CA GLN A 465 0.98 9.07 6.38
C GLN A 465 0.83 7.70 7.05
N PRO A 466 -0.41 7.16 7.07
CA PRO A 466 -0.62 5.88 7.79
C PRO A 466 0.14 4.72 7.20
N GLY A 467 0.29 4.67 5.88
CA GLY A 467 0.92 3.53 5.24
C GLY A 467 2.41 3.45 5.54
N VAL A 468 2.99 2.36 5.11
CA VAL A 468 4.41 2.06 5.35
C VAL A 468 5.25 2.66 4.22
N PRO A 469 6.29 3.42 4.53
CA PRO A 469 7.05 4.07 3.45
C PRO A 469 8.14 3.19 2.89
N SER A 470 8.50 3.51 1.64
CA SER A 470 9.60 2.85 0.96
C SER A 470 10.42 3.89 0.20
N ILE A 471 11.73 3.66 0.12
CA ILE A 471 12.70 4.54 -0.55
C ILE A 471 13.24 3.73 -1.74
N TYR A 472 13.07 4.23 -2.96
CA TYR A 472 13.66 3.64 -4.15
C TYR A 472 15.15 3.90 -4.17
N TYR A 473 15.96 2.86 -4.47
CA TYR A 473 17.42 2.99 -4.33
C TYR A 473 17.93 4.27 -4.97
N GLY A 474 18.79 5.02 -4.27
CA GLY A 474 19.40 6.22 -4.84
C GLY A 474 18.66 7.48 -4.48
N THR A 475 17.40 7.37 -4.03
CA THR A 475 16.70 8.58 -3.60
C THR A 475 17.49 9.32 -2.54
N GLU A 476 18.16 8.58 -1.65
CA GLU A 476 18.86 9.16 -0.52
C GLU A 476 20.08 9.98 -0.95
N TYR A 477 20.52 9.85 -2.21
CA TYR A 477 21.62 10.65 -2.75
C TYR A 477 21.17 11.61 -3.85
N GLY A 478 19.86 11.73 -4.11
CA GLY A 478 19.39 12.70 -5.09
C GLY A 478 19.42 12.24 -6.51
N MET A 479 19.35 10.93 -6.77
CA MET A 479 19.50 10.47 -8.17
C MET A 479 18.35 10.98 -9.03
N THR A 480 18.66 11.29 -10.29
CA THR A 480 17.67 11.77 -11.25
C THR A 480 17.36 10.68 -12.27
N GLY A 481 16.25 10.88 -12.96
CA GLY A 481 15.88 9.98 -14.04
C GLY A 481 14.45 10.20 -14.49
N GLU A 482 14.24 10.19 -15.81
CA GLU A 482 12.90 10.14 -16.38
C GLU A 482 12.34 8.71 -16.26
N ASN A 483 11.21 8.44 -16.88
CA ASN A 483 10.64 7.12 -16.70
CA ASN A 483 10.63 7.10 -16.74
C ASN A 483 11.50 6.03 -17.37
N ASP A 484 11.17 4.79 -17.08
CA ASP A 484 11.84 3.56 -17.54
C ASP A 484 12.23 3.69 -19.01
N PRO A 485 13.51 3.53 -19.39
CA PRO A 485 14.62 2.95 -18.58
C PRO A 485 15.43 3.98 -17.80
N ASP A 486 15.12 5.27 -17.91
CA ASP A 486 15.99 6.29 -17.34
C ASP A 486 15.93 6.36 -15.84
N ASP A 487 14.94 5.71 -15.24
CA ASP A 487 14.81 5.63 -13.79
C ASP A 487 15.61 4.45 -13.20
N ARG A 488 16.40 3.75 -14.04
CA ARG A 488 17.17 2.59 -13.64
C ARG A 488 18.66 2.87 -13.82
N LYS A 489 19.11 4.09 -13.52
CA LYS A 489 20.54 4.34 -13.63
C LYS A 489 21.33 3.50 -12.61
N PRO A 490 22.57 3.16 -12.93
CA PRO A 490 23.46 2.56 -11.92
C PRO A 490 23.51 3.43 -10.69
N MET A 491 23.45 2.80 -9.52
CA MET A 491 23.49 3.50 -8.25
C MET A 491 24.75 4.35 -8.13
N VAL A 492 24.57 5.54 -7.54
CA VAL A 492 25.69 6.49 -7.37
C VAL A 492 26.51 6.13 -6.14
N TRP A 493 27.71 5.56 -6.35
CA TRP A 493 28.59 5.19 -5.24
C TRP A 493 29.76 6.15 -5.08
N GLN A 494 29.96 7.09 -6.01
CA GLN A 494 31.10 8.00 -5.92
C GLN A 494 30.71 9.20 -5.05
N PRO A 495 31.41 9.43 -3.93
CA PRO A 495 30.97 10.50 -3.01
C PRO A 495 30.87 11.85 -3.66
N GLU A 496 31.75 12.17 -4.61
CA GLU A 496 31.66 13.49 -5.24
C GLU A 496 30.34 13.71 -5.97
N LEU A 497 29.63 12.65 -6.35
CA LEU A 497 28.38 12.73 -7.09
C LEU A 497 27.16 12.54 -6.21
N GLN A 498 27.33 12.27 -4.93
CA GLN A 498 26.22 12.03 -3.99
C GLN A 498 25.81 13.30 -3.28
N ASP A 499 24.51 13.46 -3.05
CA ASP A 499 24.00 14.61 -2.24
C ASP A 499 24.05 14.22 -0.76
N HIS A 500 25.09 14.67 -0.07
CA HIS A 500 25.32 14.25 1.31
C HIS A 500 24.33 14.91 2.26
N ASP A 501 23.89 16.12 1.92
CA ASP A 501 22.88 16.78 2.75
C ASP A 501 21.55 16.01 2.70
N LEU A 502 21.15 15.55 1.50
CA LEU A 502 19.92 14.80 1.42
C LEU A 502 20.05 13.47 2.15
N TYR A 503 21.24 12.83 2.10
CA TYR A 503 21.39 11.58 2.82
C TYR A 503 21.25 11.77 4.31
N ASP A 504 21.87 12.83 4.84
CA ASP A 504 21.73 13.13 6.25
C ASP A 504 20.28 13.41 6.61
N PHE A 505 19.57 14.14 5.76
CA PHE A 505 18.16 14.41 6.01
C PHE A 505 17.34 13.12 6.02
N MET A 506 17.60 12.22 5.06
CA MET A 506 16.84 10.99 5.01
CA MET A 506 16.84 10.99 5.01
C MET A 506 17.10 10.14 6.24
N GLN A 507 18.35 10.09 6.74
CA GLN A 507 18.55 9.38 8.01
C GLN A 507 17.67 9.95 9.10
N LYS A 508 17.61 11.30 9.20
CA LYS A 508 16.78 11.92 10.25
C LYS A 508 15.30 11.62 10.06
N LEU A 509 14.84 11.64 8.81
CA LEU A 509 13.42 11.38 8.56
C LEU A 509 13.06 9.92 8.89
N VAL A 510 13.92 8.99 8.48
CA VAL A 510 13.72 7.60 8.84
C VAL A 510 13.64 7.44 10.35
N GLN A 511 14.52 8.14 11.09
CA GLN A 511 14.51 8.06 12.55
CA GLN A 511 14.48 8.00 12.54
C GLN A 511 13.19 8.56 13.13
N VAL A 512 12.66 9.68 12.60
CA VAL A 512 11.37 10.16 13.10
C VAL A 512 10.30 9.11 12.85
N ARG A 513 10.29 8.51 11.67
CA ARG A 513 9.30 7.49 11.37
C ARG A 513 9.41 6.33 12.33
N ARG A 514 10.62 5.81 12.53
CA ARG A 514 10.76 4.58 13.28
C ARG A 514 10.63 4.82 14.78
N GLN A 515 11.17 5.93 15.26
CA GLN A 515 11.22 6.15 16.71
C GLN A 515 10.03 6.92 17.24
N VAL A 516 9.31 7.64 16.39
CA VAL A 516 8.23 8.47 16.92
C VAL A 516 6.91 8.03 16.31
N ILE A 517 6.78 8.15 14.99
CA ILE A 517 5.49 7.85 14.37
C ILE A 517 5.09 6.39 14.59
N ALA A 518 5.98 5.46 14.30
CA ALA A 518 5.65 4.04 14.45
C ALA A 518 5.34 3.65 15.88
N LYS A 519 5.73 4.45 16.86
CA LYS A 519 5.63 4.03 18.26
C LYS A 519 4.47 4.68 18.99
N LEU A 520 3.66 5.48 18.30
CA LEU A 520 2.37 5.88 18.83
C LEU A 520 1.48 4.65 18.98
N SER A 521 0.56 4.69 19.94
CA SER A 521 -0.30 3.55 20.27
C SER A 521 -1.70 3.80 19.72
N ASP A 522 -2.03 3.14 18.60
CA ASP A 522 -3.37 3.23 18.00
C ASP A 522 -3.72 4.68 17.68
N ASP A 523 -2.84 5.33 16.93
CA ASP A 523 -3.00 6.76 16.67
C ASP A 523 -4.14 6.99 15.68
N LYS A 524 -4.56 8.25 15.59
CA LYS A 524 -5.45 8.70 14.55
C LYS A 524 -4.78 9.81 13.76
N ILE A 525 -5.25 10.03 12.54
CA ILE A 525 -4.72 11.08 11.67
C ILE A 525 -5.76 12.16 11.46
N ILE A 526 -5.32 13.41 11.50
CA ILE A 526 -6.18 14.55 11.25
C ILE A 526 -5.52 15.40 10.17
N PHE A 527 -6.29 15.81 9.18
CA PHE A 527 -5.87 16.72 8.10
C PHE A 527 -6.57 18.04 8.31
N ASP A 528 -5.81 19.11 8.47
CA ASP A 528 -6.40 20.46 8.56
C ASP A 528 -5.83 21.35 7.46
N VAL A 529 -6.71 21.98 6.69
CA VAL A 529 -6.28 23.00 5.72
C VAL A 529 -6.30 24.32 6.46
N ILE A 530 -5.11 24.93 6.66
CA ILE A 530 -5.03 26.14 7.47
C ILE A 530 -4.83 27.37 6.64
N GLY A 531 -4.67 27.21 5.33
CA GLY A 531 -4.59 28.41 4.50
C GLY A 531 -4.42 27.95 3.07
N GLU A 532 -4.28 28.93 2.18
CA GLU A 532 -3.98 28.62 0.79
C GLU A 532 -2.67 27.85 0.69
N ARG A 533 -2.83 26.60 0.27
CA ARG A 533 -1.76 25.62 0.15
C ARG A 533 -0.97 25.52 1.46
N GLN A 534 -1.69 25.47 2.58
CA GLN A 534 -1.05 25.29 3.89
C GLN A 534 -1.79 24.19 4.61
N ILE A 535 -1.08 23.14 5.04
CA ILE A 535 -1.68 21.95 5.62
C ILE A 535 -1.04 21.68 6.98
N ARG A 536 -1.87 21.34 7.96
CA ARG A 536 -1.41 20.81 9.22
C ARG A 536 -1.85 19.34 9.31
N LEU A 537 -0.89 18.44 9.41
N LEU A 537 -0.90 18.45 9.50
CA LEU A 537 -1.12 17.01 9.62
CA LEU A 537 -1.14 17.02 9.59
C LEU A 537 -0.92 16.72 11.09
C LEU A 537 -0.86 16.60 11.03
N THR A 538 -1.83 16.00 11.70
CA THR A 538 -1.65 15.57 13.07
C THR A 538 -1.87 14.05 13.19
N ARG A 539 -0.99 13.39 13.94
CA ARG A 539 -1.18 11.99 14.31
C ARG A 539 -1.20 11.95 15.82
N GLU A 540 -2.22 11.37 16.42
CA GLU A 540 -2.21 11.41 17.88
C GLU A 540 -2.85 10.18 18.50
N ASP A 541 -2.26 9.75 19.62
CA ASP A 541 -2.81 8.77 20.52
C ASP A 541 -3.20 9.49 21.82
N ASN A 542 -3.32 8.76 22.93
CA ASN A 542 -3.83 9.40 24.13
C ASN A 542 -2.77 10.19 24.91
N GLN A 543 -1.49 9.92 24.70
CA GLN A 543 -0.41 10.61 25.40
C GLN A 543 0.27 11.69 24.56
N THR A 544 0.40 11.46 23.25
CA THR A 544 1.35 12.19 22.41
C THR A 544 0.71 12.57 21.07
N ARG A 545 1.07 13.75 20.60
CA ARG A 545 0.60 14.19 19.30
C ARG A 545 1.83 14.59 18.52
N ILE A 546 1.93 14.10 17.29
N ILE A 546 1.90 14.13 17.27
CA ILE A 546 2.94 14.60 16.34
CA ILE A 546 2.90 14.58 16.31
C ILE A 546 2.22 15.48 15.34
C ILE A 546 2.20 15.49 15.32
N VAL A 547 2.77 16.66 15.09
CA VAL A 547 2.15 17.64 14.22
C VAL A 547 3.17 18.05 13.15
N GLY A 548 2.73 18.11 11.91
CA GLY A 548 3.57 18.66 10.87
C GLY A 548 2.82 19.75 10.10
N VAL A 549 3.46 20.91 9.94
CA VAL A 549 2.88 22.00 9.14
C VAL A 549 3.70 22.17 7.89
N PHE A 550 3.00 22.28 6.76
CA PHE A 550 3.61 22.36 5.43
C PHE A 550 3.12 23.63 4.78
N ASN A 551 4.04 24.53 4.44
CA ASN A 551 3.69 25.80 3.78
C ASN A 551 4.07 25.70 2.30
N ASN A 552 3.10 25.48 1.42
CA ASN A 552 3.39 25.29 0.00
C ASN A 552 2.74 26.37 -0.84
N GLY A 553 2.39 27.50 -0.22
CA GLY A 553 1.98 28.69 -0.94
C GLY A 553 3.18 29.57 -1.25
N THR A 554 2.90 30.83 -1.51
CA THR A 554 3.94 31.74 -1.95
C THR A 554 4.23 32.83 -0.93
N THR A 555 3.67 32.70 0.27
CA THR A 555 3.85 33.67 1.34
C THR A 555 4.46 32.99 2.54
N ASP A 556 5.00 33.79 3.44
CA ASP A 556 5.47 33.24 4.70
C ASP A 556 4.31 32.89 5.63
N LEU A 557 4.54 31.89 6.47
CA LEU A 557 3.56 31.47 7.47
C LEU A 557 4.21 31.48 8.83
N THR A 558 3.52 32.01 9.83
CA THR A 558 4.04 32.03 11.19
C THR A 558 3.22 31.07 12.02
N VAL A 559 3.91 30.24 12.81
CA VAL A 559 3.25 29.35 13.76
C VAL A 559 3.78 29.64 15.15
N ALA A 560 3.01 29.24 16.17
CA ALA A 560 3.51 29.26 17.54
C ALA A 560 4.78 28.43 17.68
N GLN A 561 5.76 28.96 18.43
CA GLN A 561 7.02 28.23 18.63
C GLN A 561 6.76 26.89 19.33
N PRO A 562 7.06 25.76 18.71
CA PRO A 562 6.85 24.50 19.42
C PRO A 562 7.91 24.29 20.48
N THR A 563 7.52 23.61 21.54
CA THR A 563 8.50 23.27 22.58
C THR A 563 9.50 22.22 22.11
N SER A 564 9.05 21.22 21.34
CA SER A 564 9.89 20.06 20.96
C SER A 564 9.84 19.82 19.44
N ILE A 565 10.70 20.50 18.71
CA ILE A 565 10.78 20.36 17.26
C ILE A 565 11.54 19.10 16.91
N LEU A 566 10.99 18.29 16.00
CA LEU A 566 11.64 17.06 15.57
C LEU A 566 12.44 17.23 14.29
N LEU A 567 11.90 17.97 13.33
CA LEU A 567 12.50 18.10 12.01
C LEU A 567 11.93 19.37 11.38
N LYS A 568 12.78 20.19 10.79
CA LYS A 568 12.30 21.38 10.10
C LYS A 568 13.34 21.78 9.06
N THR A 569 12.89 22.55 8.08
CA THR A 569 13.81 23.01 7.04
C THR A 569 14.26 24.45 7.20
N ASN A 570 13.45 25.33 7.77
CA ASN A 570 13.90 26.70 8.01
C ASN A 570 14.74 26.78 9.29
N GLN A 571 15.63 27.78 9.38
N GLN A 571 15.64 27.79 9.36
CA GLN A 571 16.34 27.93 10.66
CA GLN A 571 16.37 28.09 10.58
C GLN A 571 15.42 28.49 11.75
C GLN A 571 15.42 28.47 11.71
N SER A 572 14.34 29.16 11.38
CA SER A 572 13.45 29.73 12.38
C SER A 572 12.61 28.64 13.06
N GLU A 573 12.33 28.86 14.35
CA GLU A 573 11.39 28.01 15.08
C GLU A 573 9.94 28.47 14.95
N THR A 574 9.66 29.58 14.25
CA THR A 574 8.28 30.05 14.13
C THR A 574 7.89 30.32 12.68
N GLN A 575 8.83 30.66 11.82
CA GLN A 575 8.48 31.07 10.47
C GLN A 575 8.78 29.95 9.47
N LEU A 576 7.82 29.72 8.58
CA LEU A 576 7.97 28.81 7.44
C LEU A 576 7.91 29.64 6.17
N ALA A 577 9.00 29.67 5.41
CA ALA A 577 8.98 30.31 4.09
C ALA A 577 8.30 29.34 3.12
N PRO A 578 8.03 29.78 1.89
CA PRO A 578 7.47 28.86 0.88
C PRO A 578 8.28 27.57 0.71
N ASN A 579 7.55 26.47 0.74
CA ASN A 579 8.01 25.09 0.68
C ASN A 579 8.74 24.62 1.94
N ASP A 580 8.71 25.37 3.03
CA ASP A 580 9.24 24.85 4.29
C ASP A 580 8.20 23.97 4.99
N PHE A 581 8.68 23.17 5.93
CA PHE A 581 7.80 22.41 6.80
C PHE A 581 8.45 22.34 8.18
N MET A 582 7.64 22.01 9.20
CA MET A 582 8.16 21.85 10.55
C MET A 582 7.33 20.77 11.24
N ILE A 583 8.01 19.79 11.86
CA ILE A 583 7.37 18.66 12.53
C ILE A 583 7.73 18.78 13.98
N TRP A 584 6.74 18.61 14.86
CA TRP A 584 6.99 18.70 16.29
C TRP A 584 6.14 17.69 17.04
N THR A 585 6.49 17.50 18.31
CA THR A 585 5.73 16.61 19.19
C THR A 585 5.30 17.38 20.44
N GLU A 586 4.12 17.02 20.95
CA GLU A 586 3.64 17.71 22.15
C GLU A 586 2.78 16.75 22.94
N PRO A 587 2.69 16.94 24.26
CA PRO A 587 1.78 16.11 25.05
C PRO A 587 0.33 16.43 24.71
N VAL A 588 -0.52 15.42 24.80
CA VAL A 588 -1.96 15.66 24.64
C VAL A 588 -2.51 16.15 25.97
N ARG A 589 -3.14 17.33 25.95
CA ARG A 589 -3.68 17.97 27.14
C ARG A 589 -5.22 17.90 27.12
C1 GLC B . 4.66 -4.39 -13.46
C2 GLC B . 6.11 -4.04 -13.20
C3 GLC B . 6.74 -3.57 -14.45
C4 GLC B . 6.81 -4.73 -15.40
C5 GLC B . 5.37 -5.21 -15.79
C6 GLC B . 5.28 -6.49 -16.44
O1 GLC B . 3.83 -3.39 -13.98
O2 GLC B . 6.25 -3.09 -12.09
O3 GLC B . 8.12 -3.07 -14.20
O4 GLC B . 7.40 -4.26 -16.60
O5 GLC B . 4.57 -5.40 -14.49
O6 GLC B . 5.85 -7.52 -15.64
C1 GLC B . 8.46 -5.03 -17.08
C2 GLC B . 9.69 -4.17 -17.29
C3 GLC B . 9.49 -3.07 -18.26
C4 GLC B . 9.03 -3.62 -19.59
C5 GLC B . 7.80 -4.56 -19.39
C6 GLC B . 7.35 -5.29 -20.66
O2 GLC B . 10.05 -3.65 -15.98
O3 GLC B . 10.77 -2.35 -18.46
O4 GLC B . 8.65 -2.55 -20.46
O5 GLC B . 8.09 -5.57 -18.40
O6 GLC B . 8.47 -5.93 -21.29
CA CA C . 28.05 -8.85 -11.68
S SO4 D . 21.95 -22.86 -8.00
O1 SO4 D . 21.36 -21.52 -7.86
O2 SO4 D . 20.91 -23.90 -8.19
O3 SO4 D . 22.80 -23.21 -6.84
O4 SO4 D . 22.86 -22.93 -9.14
S SO4 E . 28.75 0.52 2.47
O1 SO4 E . 28.76 1.51 3.57
O2 SO4 E . 27.84 -0.57 2.81
O3 SO4 E . 28.27 1.14 1.19
O4 SO4 E . 30.11 0.05 2.22
S SO4 F . 6.46 -1.98 -37.72
O1 SO4 F . 7.17 -1.50 -36.53
O2 SO4 F . 5.05 -2.24 -37.38
O3 SO4 F . 6.58 -1.04 -38.85
O4 SO4 F . 7.08 -3.25 -38.11
S SO4 G . 25.50 -14.03 -21.32
O1 SO4 G . 26.43 -14.62 -20.37
O2 SO4 G . 24.10 -14.44 -21.07
O3 SO4 G . 25.49 -12.58 -21.27
O4 SO4 G . 25.75 -14.60 -22.64
S SO4 H . 4.69 37.57 2.57
O1 SO4 H . 4.77 36.63 3.69
O2 SO4 H . 3.34 38.15 2.59
O3 SO4 H . 5.74 38.60 2.70
O4 SO4 H . 4.91 36.81 1.34
S SO4 I . -21.69 1.35 -2.06
O1 SO4 I . -21.61 0.64 -0.76
O2 SO4 I . -22.88 0.76 -2.76
O3 SO4 I . -21.93 2.82 -1.90
O4 SO4 I . -20.49 1.12 -2.90
O1 MES J . 33.26 8.12 -14.87
C2 MES J . 33.36 6.84 -14.24
C3 MES J . 32.13 6.55 -13.39
N4 MES J . 31.88 7.63 -12.44
C5 MES J . 31.89 8.98 -13.05
C6 MES J . 33.14 9.17 -13.90
C7 MES J . 30.71 7.46 -11.58
C8 MES J . 30.88 6.35 -10.52
S MES J . 29.36 6.00 -9.86
O1S MES J . 29.49 4.94 -8.82
O2S MES J . 28.74 7.16 -9.23
O3S MES J . 28.60 5.44 -10.98
O1 MES K . 8.97 34.23 0.20
C2 MES K . 10.08 34.37 1.13
C3 MES K . 10.41 35.83 1.48
N4 MES K . 9.20 36.47 1.92
C5 MES K . 8.06 36.31 1.03
C6 MES K . 7.80 34.84 0.73
C7 MES K . 9.25 37.89 2.38
C8 MES K . 10.47 38.15 3.28
S MES K . 10.49 39.76 3.77
O1S MES K . 11.46 39.84 4.90
O2S MES K . 9.13 40.21 4.14
O3S MES K . 11.03 40.56 2.66
C1 GLC L . 8.49 -4.97 -17.13
C2 GLC L . 9.75 -4.13 -17.27
C3 GLC L . 9.53 -3.04 -18.31
C4 GLC L . 9.11 -3.69 -19.63
C5 GLC L . 7.87 -4.57 -19.36
C6 GLC L . 7.41 -5.31 -20.60
O2 GLC L . 10.08 -3.58 -16.03
O3 GLC L . 10.74 -2.34 -18.51
O4 GLC L . 8.80 -2.74 -20.62
O5 GLC L . 8.18 -5.53 -18.37
O6 GLC L . 8.41 -6.19 -21.07
C2 BGC M . 5.96 -4.13 -13.30
C3 BGC M . 6.79 -3.59 -14.44
C4 BGC M . 6.82 -4.71 -15.49
C5 BGC M . 5.40 -5.16 -15.88
C6 BGC M . 5.43 -6.54 -16.59
C1 BGC M . 4.53 -4.25 -13.85
O1 BGC M . 3.62 -4.57 -12.86
O2 BGC M . 6.00 -3.31 -12.17
O3 BGC M . 8.10 -3.30 -14.03
O4 BGC M . 7.41 -4.20 -16.67
O5 BGC M . 4.50 -5.28 -14.81
O6 BGC M . 5.85 -7.57 -15.70
#